data_4ZUN
#
_entry.id   4ZUN
#
_cell.length_a   44.859
_cell.length_b   120.993
_cell.length_c   64.710
_cell.angle_alpha   90.00
_cell.angle_beta   97.03
_cell.angle_gamma   90.00
#
_symmetry.space_group_name_H-M   'P 1 21 1'
#
loop_
_entity.id
_entity.type
_entity.pdbx_description
1 polymer 'Acetylpolyamine aminohydrolase'
2 non-polymer 5-[(3-aminopropyl)amino]pentane-1-thiol
3 non-polymer 'POTASSIUM ION'
4 non-polymer 'SODIUM ION'
5 non-polymer 'ZINC ION'
6 non-polymer GLYCEROL
7 water water
#
_entity_poly.entity_id   1
_entity_poly.type   'polypeptide(L)'
_entity_poly.pdbx_seq_one_letter_code
;MRVIFSEDHKLRNAKTELYGGELVPPFEAPFRAEWILAAVKEAGFDDVVAPARHGLETVLKVHDAGYLNFLETAWDRWKA
AGYKGEAIATSFPVRRTSPRIPTDIEGQIGYYCNAAETAISPGTWEAALSSMASAIDGADLIAAGHKAAFSLCRPPGHHA
GIDMFGGYCFINNAAVAAQRLLDKGAKKIAILDVDFHHGNGTQDIFYERGDVFFASLHGDPAEAFPHFLGYAEETGKGAG
AGTTANYPMGRGTPYSVWGEALTDSLKRIAAFGAEAIVVSLGVDTFEQDPISFFKLTSPDYITMGRTIAASGVPLLVVME
GGYGVPEIGLNVANVLKGVAG
;
_entity_poly.pdbx_strand_id   A,B
#
# COMPACT_ATOMS: atom_id res chain seq x y z
N MET A 1 12.91 -33.76 21.03
CA MET A 1 12.68 -32.35 21.32
C MET A 1 11.20 -32.05 21.51
N ARG A 2 10.92 -31.06 22.34
N ARG A 2 10.91 -31.07 22.35
CA ARG A 2 9.55 -30.69 22.63
CA ARG A 2 9.54 -30.71 22.64
C ARG A 2 8.95 -29.85 21.50
C ARG A 2 8.95 -29.84 21.53
N VAL A 3 7.67 -30.06 21.24
CA VAL A 3 6.93 -29.31 20.24
C VAL A 3 5.90 -28.48 21.00
N ILE A 4 5.94 -27.15 20.83
CA ILE A 4 4.97 -26.27 21.50
C ILE A 4 3.92 -25.82 20.49
N PHE A 5 2.65 -26.06 20.78
CA PHE A 5 1.59 -25.82 19.80
C PHE A 5 0.29 -25.46 20.50
N SER A 6 -0.36 -24.41 20.03
CA SER A 6 -1.67 -24.03 20.56
C SER A 6 -2.81 -24.29 19.58
N GLU A 7 -3.87 -24.93 20.07
CA GLU A 7 -5.08 -25.11 19.27
C GLU A 7 -5.75 -23.78 18.95
N ASP A 8 -5.36 -22.71 19.64
CA ASP A 8 -5.97 -21.40 19.40
C ASP A 8 -5.51 -20.77 18.07
N HIS A 9 -4.59 -21.42 17.37
CA HIS A 9 -4.26 -20.95 16.01
C HIS A 9 -5.53 -20.89 15.16
N LYS A 10 -6.48 -21.79 15.41
CA LYS A 10 -7.66 -21.87 14.55
C LYS A 10 -8.60 -20.68 14.67
N LEU A 11 -8.37 -19.82 15.68
CA LEU A 11 -9.12 -18.57 15.77
C LEU A 11 -8.82 -17.66 14.61
N ARG A 12 -7.67 -17.81 13.96
CA ARG A 12 -7.51 -17.16 12.67
C ARG A 12 -7.94 -18.13 11.57
N ASN A 13 -9.08 -17.83 10.97
CA ASN A 13 -9.63 -18.64 9.91
C ASN A 13 -10.30 -17.69 8.92
N ALA A 14 -9.47 -16.82 8.36
CA ALA A 14 -9.93 -15.80 7.43
C ALA A 14 -10.52 -16.44 6.18
N LYS A 15 -11.49 -15.76 5.60
CA LYS A 15 -12.20 -16.27 4.43
C LYS A 15 -11.56 -15.79 3.13
N THR A 16 -10.85 -14.67 3.18
CA THR A 16 -10.36 -14.06 1.94
C THR A 16 -8.92 -13.63 1.98
N GLU A 17 -8.33 -13.66 0.79
CA GLU A 17 -6.96 -13.19 0.56
C GLU A 17 -6.97 -12.55 -0.81
N LEU A 18 -6.35 -11.37 -0.93
CA LEU A 18 -6.29 -10.71 -2.23
C LEU A 18 -5.09 -11.25 -3.00
N TYR A 19 -5.36 -11.99 -4.07
CA TYR A 19 -4.32 -12.68 -4.82
C TYR A 19 -4.69 -12.60 -6.30
N GLY A 20 -3.81 -12.05 -7.13
CA GLY A 20 -4.09 -11.96 -8.55
C GLY A 20 -5.35 -11.17 -8.90
N GLY A 21 -5.64 -10.14 -8.12
CA GLY A 21 -6.81 -9.31 -8.38
C GLY A 21 -8.13 -10.01 -8.03
N GLU A 22 -8.06 -11.08 -7.26
CA GLU A 22 -9.27 -11.81 -6.85
C GLU A 22 -9.23 -12.03 -5.35
N LEU A 23 -10.39 -12.28 -4.75
CA LEU A 23 -10.41 -12.60 -3.32
C LEU A 23 -10.64 -14.09 -3.26
N VAL A 24 -9.63 -14.82 -2.77
CA VAL A 24 -9.58 -16.27 -2.82
C VAL A 24 -9.43 -16.80 -1.40
N PRO A 25 -9.69 -18.11 -1.19
CA PRO A 25 -9.43 -18.66 0.15
C PRO A 25 -7.93 -18.52 0.52
N PRO A 26 -7.62 -18.13 1.75
CA PRO A 26 -6.21 -17.89 2.07
C PRO A 26 -5.31 -19.13 2.00
N PHE A 27 -4.09 -18.91 1.53
CA PHE A 27 -3.08 -19.94 1.56
C PHE A 27 -2.70 -20.29 2.99
N GLU A 28 -2.67 -19.30 3.87
CA GLU A 28 -2.24 -19.51 5.25
C GLU A 28 -3.46 -19.89 6.09
N ALA A 29 -3.83 -21.16 5.99
CA ALA A 29 -5.10 -21.65 6.53
C ALA A 29 -4.85 -22.63 7.66
N PRO A 30 -5.86 -22.81 8.54
CA PRO A 30 -5.68 -23.71 9.68
C PRO A 30 -5.19 -25.12 9.35
N PHE A 31 -5.59 -25.67 8.20
CA PHE A 31 -5.14 -27.01 7.87
C PHE A 31 -3.62 -27.14 7.78
N ARG A 32 -2.88 -26.05 7.55
CA ARG A 32 -1.42 -26.11 7.53
C ARG A 32 -0.89 -26.64 8.85
N ALA A 33 -1.42 -26.12 9.96
CA ALA A 33 -0.94 -26.56 11.28
C ALA A 33 -1.32 -28.03 11.53
N GLU A 34 -2.50 -28.43 11.08
CA GLU A 34 -2.91 -29.82 11.21
C GLU A 34 -1.96 -30.74 10.45
N TRP A 35 -1.60 -30.36 9.23
CA TRP A 35 -0.70 -31.18 8.41
C TRP A 35 0.67 -31.28 9.04
N ILE A 36 1.18 -30.15 9.52
CA ILE A 36 2.50 -30.14 10.11
C ILE A 36 2.52 -30.92 11.41
N LEU A 37 1.55 -30.71 12.29
CA LEU A 37 1.53 -31.43 13.56
C LEU A 37 1.47 -32.94 13.32
N ALA A 38 0.63 -33.37 12.40
CA ALA A 38 0.50 -34.80 12.16
C ALA A 38 1.81 -35.40 11.68
N ALA A 39 2.51 -34.66 10.81
CA ALA A 39 3.76 -35.16 10.26
C ALA A 39 4.89 -35.20 11.28
N VAL A 40 4.98 -34.20 12.15
CA VAL A 40 6.06 -34.22 13.14
C VAL A 40 5.81 -35.36 14.12
N LYS A 41 4.55 -35.59 14.50
CA LYS A 41 4.25 -36.73 15.37
C LYS A 41 4.61 -38.06 14.69
N GLU A 42 4.28 -38.19 13.41
CA GLU A 42 4.58 -39.42 12.67
C GLU A 42 6.09 -39.69 12.65
N ALA A 43 6.87 -38.61 12.63
CA ALA A 43 8.33 -38.73 12.63
C ALA A 43 8.89 -38.96 14.04
N GLY A 44 8.03 -39.05 15.03
CA GLY A 44 8.46 -39.42 16.36
C GLY A 44 8.54 -38.26 17.33
N PHE A 45 8.21 -37.06 16.87
CA PHE A 45 8.21 -35.89 17.74
C PHE A 45 6.83 -35.72 18.34
N ASP A 46 6.51 -36.57 19.31
CA ASP A 46 5.17 -36.59 19.91
C ASP A 46 5.08 -35.96 21.30
N ASP A 47 6.15 -35.29 21.74
CA ASP A 47 6.11 -34.57 23.01
C ASP A 47 5.55 -33.17 22.71
N VAL A 48 4.24 -33.12 22.57
CA VAL A 48 3.53 -31.91 22.18
C VAL A 48 2.83 -31.31 23.37
N VAL A 49 3.08 -30.03 23.61
CA VAL A 49 2.57 -29.32 24.78
CA VAL A 49 2.46 -29.35 24.74
C VAL A 49 1.97 -27.97 24.34
N ALA A 50 0.88 -27.54 24.95
CA ALA A 50 0.33 -26.22 24.72
C ALA A 50 1.20 -25.18 25.44
N PRO A 51 1.32 -23.99 24.87
CA PRO A 51 2.05 -22.95 25.59
C PRO A 51 1.22 -22.42 26.75
N ALA A 52 1.91 -21.95 27.78
CA ALA A 52 1.25 -21.09 28.76
C ALA A 52 0.90 -19.78 28.08
N ARG A 53 -0.13 -19.11 28.58
N ARG A 53 -0.14 -19.11 28.55
N ARG A 53 -0.12 -19.11 28.60
CA ARG A 53 -0.46 -17.79 28.03
CA ARG A 53 -0.42 -17.80 28.00
CA ARG A 53 -0.47 -17.78 28.12
C ARG A 53 0.55 -16.75 28.52
C ARG A 53 0.61 -16.78 28.48
C ARG A 53 0.59 -16.75 28.52
N HIS A 54 0.79 -15.74 27.68
CA HIS A 54 1.69 -14.65 28.02
C HIS A 54 1.04 -13.32 27.74
N GLY A 55 1.38 -12.33 28.55
CA GLY A 55 1.00 -10.96 28.29
C GLY A 55 1.98 -10.31 27.35
N LEU A 56 2.08 -8.99 27.40
CA LEU A 56 2.79 -8.22 26.40
C LEU A 56 4.20 -7.82 26.79
N GLU A 57 4.72 -8.28 27.93
CA GLU A 57 6.03 -7.83 28.38
C GLU A 57 7.11 -7.97 27.32
N THR A 58 7.22 -9.15 26.76
CA THR A 58 8.31 -9.40 25.81
C THR A 58 8.04 -8.71 24.48
N VAL A 59 6.82 -8.84 23.99
CA VAL A 59 6.51 -8.34 22.65
C VAL A 59 6.61 -6.81 22.54
N LEU A 60 6.37 -6.10 23.64
CA LEU A 60 6.48 -4.64 23.62
C LEU A 60 7.91 -4.18 23.39
N LYS A 61 8.88 -5.08 23.55
CA LYS A 61 10.28 -4.72 23.32
C LYS A 61 10.67 -4.87 21.84
N VAL A 62 9.82 -5.50 21.04
CA VAL A 62 10.11 -5.63 19.60
C VAL A 62 9.05 -4.98 18.69
N HIS A 63 7.81 -4.87 19.15
CA HIS A 63 6.75 -4.17 18.40
C HIS A 63 6.35 -2.88 19.08
N ASP A 64 5.94 -1.93 18.25
CA ASP A 64 5.42 -0.65 18.71
C ASP A 64 4.09 -0.80 19.46
N ALA A 65 3.90 -0.05 20.55
CA ALA A 65 2.69 -0.19 21.35
C ALA A 65 1.42 0.23 20.62
N GLY A 66 1.53 1.29 19.83
CA GLY A 66 0.40 1.75 19.03
C GLY A 66 -0.03 0.68 18.03
N TYR A 67 0.95 0.03 17.41
CA TYR A 67 0.69 -1.09 16.52
C TYR A 67 -0.08 -2.23 17.20
N LEU A 68 0.40 -2.64 18.38
CA LEU A 68 -0.28 -3.72 19.08
C LEU A 68 -1.70 -3.29 19.49
N ASN A 69 -1.85 -2.05 19.94
N ASN A 69 -1.85 -2.04 19.92
CA ASN A 69 -3.18 -1.54 20.28
CA ASN A 69 -3.16 -1.52 20.29
C ASN A 69 -4.11 -1.60 19.07
C ASN A 69 -4.12 -1.47 19.10
N PHE A 70 -3.57 -1.19 17.92
CA PHE A 70 -4.35 -1.22 16.69
C PHE A 70 -4.81 -2.66 16.38
N LEU A 71 -3.91 -3.64 16.46
CA LEU A 71 -4.34 -5.01 16.16
C LEU A 71 -5.43 -5.48 17.10
N GLU A 72 -5.34 -5.09 18.35
CA GLU A 72 -6.29 -5.56 19.38
C GLU A 72 -7.73 -5.18 19.06
N THR A 73 -7.94 -4.05 18.40
CA THR A 73 -9.31 -3.59 18.15
C THR A 73 -9.68 -3.45 16.67
N ALA A 74 -8.77 -3.82 15.78
CA ALA A 74 -8.96 -3.54 14.36
C ALA A 74 -10.25 -4.15 13.80
N TRP A 75 -10.49 -5.42 14.12
CA TRP A 75 -11.67 -6.07 13.60
C TRP A 75 -12.94 -5.40 14.10
N ASP A 76 -13.01 -5.13 15.40
CA ASP A 76 -14.21 -4.49 15.96
C ASP A 76 -14.49 -3.15 15.30
N ARG A 77 -13.44 -2.37 15.05
CA ARG A 77 -13.63 -1.04 14.46
C ARG A 77 -14.02 -1.14 13.02
N TRP A 78 -13.46 -2.11 12.32
CA TRP A 78 -13.78 -2.30 10.92
C TRP A 78 -15.26 -2.62 10.76
N LYS A 79 -15.73 -3.57 11.57
CA LYS A 79 -17.12 -3.96 11.54
C LYS A 79 -18.05 -2.79 11.93
N ALA A 80 -17.65 -2.05 12.94
CA ALA A 80 -18.44 -0.92 13.43
C ALA A 80 -18.55 0.19 12.39
N ALA A 81 -17.60 0.24 11.46
CA ALA A 81 -17.60 1.25 10.40
C ALA A 81 -18.56 0.86 9.27
N GLY A 82 -19.08 -0.36 9.33
CA GLY A 82 -20.07 -0.80 8.37
C GLY A 82 -19.55 -1.56 7.15
N TYR A 83 -18.25 -1.76 7.07
CA TYR A 83 -17.69 -2.52 5.94
C TYR A 83 -18.17 -3.98 5.93
N LYS A 84 -18.38 -4.52 4.75
CA LYS A 84 -19.04 -5.81 4.61
C LYS A 84 -18.08 -7.01 4.51
N GLY A 85 -16.89 -6.76 3.99
CA GLY A 85 -15.89 -7.83 3.88
C GLY A 85 -14.97 -7.86 5.07
N GLU A 86 -13.91 -8.64 4.95
CA GLU A 86 -12.88 -8.64 5.97
C GLU A 86 -12.05 -7.37 5.87
N ALA A 87 -11.18 -7.16 6.86
CA ALA A 87 -10.50 -5.88 6.97
C ALA A 87 -9.22 -5.91 6.13
N ILE A 88 -9.23 -5.16 5.03
CA ILE A 88 -8.14 -5.15 4.05
C ILE A 88 -7.78 -3.70 3.79
N ALA A 89 -6.50 -3.40 3.96
CA ALA A 89 -5.97 -2.06 3.71
C ALA A 89 -6.01 -1.66 2.23
N THR A 90 -6.17 -0.36 1.97
CA THR A 90 -6.20 0.17 0.60
C THR A 90 -5.21 1.31 0.42
N SER A 91 -5.30 2.36 1.24
CA SER A 91 -4.31 3.46 1.18
C SER A 91 -3.11 3.12 2.04
N PHE A 92 -1.91 3.41 1.52
CA PHE A 92 -0.67 3.13 2.23
C PHE A 92 0.22 4.37 2.34
N PRO A 93 1.02 4.47 3.41
CA PRO A 93 1.95 5.60 3.56
C PRO A 93 3.22 5.35 2.73
N VAL A 94 3.13 5.69 1.45
CA VAL A 94 4.18 5.41 0.48
C VAL A 94 5.13 6.63 0.35
N ARG A 95 5.87 6.72 -0.76
CA ARG A 95 6.85 7.81 -0.95
C ARG A 95 6.28 9.19 -0.69
N ARG A 96 7.01 10.01 0.06
CA ARG A 96 6.68 11.43 0.18
C ARG A 96 5.31 11.67 0.80
N THR A 97 4.91 10.81 1.72
CA THR A 97 3.71 11.02 2.52
C THR A 97 3.99 11.64 3.88
N SER A 98 2.94 12.18 4.49
CA SER A 98 3.02 12.64 5.86
C SER A 98 3.34 11.48 6.78
N PRO A 99 4.11 11.72 7.85
CA PRO A 99 4.35 10.65 8.83
C PRO A 99 3.23 10.55 9.85
N ARG A 100 2.22 11.41 9.77
CA ARG A 100 1.16 11.41 10.79
C ARG A 100 0.33 10.14 10.78
N ILE A 101 -0.16 9.77 11.96
CA ILE A 101 -0.99 8.58 12.10
C ILE A 101 -2.46 9.01 12.02
N PRO A 102 -3.21 8.41 11.08
CA PRO A 102 -4.66 8.67 11.00
C PRO A 102 -5.40 8.27 12.26
N THR A 103 -6.60 8.78 12.44
CA THR A 103 -7.43 8.36 13.58
C THR A 103 -8.47 7.31 13.22
N ASP A 104 -8.87 7.26 11.95
CA ASP A 104 -9.97 6.38 11.55
C ASP A 104 -9.48 5.00 11.17
N ILE A 105 -10.41 4.06 11.07
CA ILE A 105 -9.99 2.66 10.80
C ILE A 105 -9.39 2.46 9.40
N GLU A 106 -9.92 3.11 8.37
CA GLU A 106 -9.35 2.94 7.02
C GLU A 106 -7.93 3.49 6.97
N GLY A 107 -7.73 4.69 7.50
CA GLY A 107 -6.39 5.24 7.56
C GLY A 107 -5.42 4.42 8.41
N GLN A 108 -5.88 4.00 9.57
CA GLN A 108 -5.01 3.24 10.46
C GLN A 108 -4.63 1.87 9.89
N ILE A 109 -5.57 1.17 9.27
CA ILE A 109 -5.21 -0.17 8.79
C ILE A 109 -4.12 -0.06 7.73
N GLY A 110 -4.19 0.99 6.90
CA GLY A 110 -3.11 1.21 5.97
C GLY A 110 -1.82 1.68 6.62
N TYR A 111 -1.93 2.57 7.60
CA TYR A 111 -0.74 3.03 8.30
C TYR A 111 0.04 1.85 8.88
N TYR A 112 -0.69 0.85 9.39
CA TYR A 112 -0.08 -0.29 10.08
C TYR A 112 0.09 -1.53 9.19
N CYS A 113 0.07 -1.37 7.87
CA CYS A 113 0.14 -2.53 6.97
C CYS A 113 1.22 -2.37 5.92
N ASN A 114 1.86 -3.48 5.56
CA ASN A 114 2.86 -3.45 4.49
C ASN A 114 2.46 -4.19 3.23
N ALA A 115 1.33 -4.90 3.28
CA ALA A 115 0.89 -5.75 2.18
C ALA A 115 -0.58 -6.07 2.31
N ALA A 116 -1.34 -5.76 1.26
CA ALA A 116 -2.79 -5.86 1.27
C ALA A 116 -3.37 -7.24 1.03
N GLU A 117 -2.55 -8.24 0.75
CA GLU A 117 -3.13 -9.56 0.58
C GLU A 117 -3.71 -10.13 1.88
N THR A 118 -3.24 -9.59 3.01
CA THR A 118 -3.54 -10.10 4.34
C THR A 118 -4.72 -9.36 4.93
N ALA A 119 -5.83 -10.08 5.14
CA ALA A 119 -7.04 -9.52 5.73
C ALA A 119 -7.05 -9.81 7.20
N ILE A 120 -7.48 -8.84 8.00
CA ILE A 120 -7.76 -9.09 9.42
C ILE A 120 -9.20 -9.60 9.56
N SER A 121 -9.36 -10.66 10.35
CA SER A 121 -10.62 -11.35 10.51
C SER A 121 -10.88 -11.54 12.01
N PRO A 122 -12.13 -11.82 12.40
CA PRO A 122 -12.42 -12.03 13.82
C PRO A 122 -11.58 -13.20 14.36
N GLY A 123 -10.96 -13.00 15.51
CA GLY A 123 -10.12 -14.02 16.10
C GLY A 123 -8.63 -13.89 15.76
N THR A 124 -8.30 -13.01 14.81
CA THR A 124 -6.92 -12.85 14.39
C THR A 124 -5.98 -12.45 15.53
N TRP A 125 -6.37 -11.46 16.31
CA TRP A 125 -5.54 -11.01 17.43
C TRP A 125 -5.31 -12.15 18.44
N GLU A 126 -6.39 -12.82 18.80
N GLU A 126 -6.38 -12.84 18.83
CA GLU A 126 -6.30 -13.92 19.76
CA GLU A 126 -6.23 -13.92 19.80
C GLU A 126 -5.40 -15.05 19.24
C GLU A 126 -5.35 -15.03 19.23
N ALA A 127 -5.54 -15.37 17.97
CA ALA A 127 -4.70 -16.40 17.35
C ALA A 127 -3.23 -15.95 17.37
N ALA A 128 -2.99 -14.70 17.01
CA ALA A 128 -1.63 -14.16 16.99
C ALA A 128 -0.98 -14.22 18.38
N LEU A 129 -1.74 -13.90 19.42
CA LEU A 129 -1.20 -13.99 20.77
C LEU A 129 -0.87 -15.43 21.16
N SER A 130 -1.67 -16.39 20.70
CA SER A 130 -1.39 -17.80 21.01
C SER A 130 -0.12 -18.26 20.32
N SER A 131 0.10 -17.75 19.12
CA SER A 131 1.24 -18.16 18.31
C SER A 131 2.50 -17.55 18.96
N MET A 132 2.39 -16.31 19.39
CA MET A 132 3.45 -15.66 20.13
C MET A 132 3.80 -16.47 21.40
N ALA A 133 2.78 -16.94 22.09
CA ALA A 133 2.98 -17.75 23.30
C ALA A 133 3.77 -19.01 23.00
N SER A 134 3.49 -19.66 21.87
CA SER A 134 4.25 -20.86 21.51
C SER A 134 5.74 -20.53 21.32
N ALA A 135 6.00 -19.38 20.70
CA ALA A 135 7.37 -18.94 20.50
C ALA A 135 8.07 -18.62 21.85
N ILE A 136 7.35 -17.94 22.77
CA ILE A 136 7.90 -17.63 24.07
C ILE A 136 8.25 -18.89 24.85
N ASP A 137 7.33 -19.84 24.91
CA ASP A 137 7.59 -21.08 25.65
C ASP A 137 8.73 -21.89 25.03
N GLY A 138 8.84 -21.88 23.71
CA GLY A 138 9.98 -22.51 23.06
C GLY A 138 11.28 -21.84 23.48
N ALA A 139 11.30 -20.52 23.49
CA ALA A 139 12.49 -19.79 23.91
C ALA A 139 12.84 -20.14 25.34
N ASP A 140 11.82 -20.25 26.19
CA ASP A 140 12.08 -20.58 27.60
C ASP A 140 12.74 -21.96 27.76
N LEU A 141 12.39 -22.91 26.89
CA LEU A 141 13.04 -24.23 26.97
C LEU A 141 14.52 -24.11 26.61
N ILE A 142 14.81 -23.28 25.62
CA ILE A 142 16.20 -23.09 25.24
C ILE A 142 16.96 -22.39 26.37
N ALA A 143 16.32 -21.38 26.97
CA ALA A 143 16.95 -20.64 28.06
C ALA A 143 17.24 -21.56 29.24
N ALA A 144 16.41 -22.58 29.41
CA ALA A 144 16.53 -23.50 30.54
C ALA A 144 17.51 -24.64 30.27
N GLY A 145 18.04 -24.70 29.05
CA GLY A 145 19.11 -25.64 28.75
C GLY A 145 18.86 -26.66 27.66
N HIS A 146 17.66 -26.65 27.07
CA HIS A 146 17.41 -27.60 25.99
C HIS A 146 18.20 -27.14 24.76
N LYS A 147 18.73 -28.09 23.99
CA LYS A 147 19.47 -27.71 22.78
C LYS A 147 18.62 -27.58 21.52
N ALA A 148 17.36 -28.01 21.57
CA ALA A 148 16.44 -27.87 20.47
C ALA A 148 15.03 -27.85 21.00
N ALA A 149 14.16 -27.13 20.29
CA ALA A 149 12.72 -27.17 20.52
C ALA A 149 12.06 -26.65 19.25
N PHE A 150 10.79 -27.02 19.05
CA PHE A 150 10.03 -26.56 17.89
C PHE A 150 8.77 -25.84 18.33
N SER A 151 8.64 -24.58 17.96
CA SER A 151 7.41 -23.80 18.19
C SER A 151 6.60 -23.82 16.91
N LEU A 152 5.49 -24.55 16.96
CA LEU A 152 4.60 -24.66 15.81
C LEU A 152 3.68 -23.43 15.80
N CYS A 153 4.26 -22.34 15.35
CA CYS A 153 3.55 -21.06 15.30
C CYS A 153 2.63 -21.00 14.09
N ARG A 154 1.42 -20.52 14.34
CA ARG A 154 0.48 -20.12 13.29
C ARG A 154 -0.49 -19.15 13.97
N PRO A 155 -0.70 -17.94 13.43
CA PRO A 155 -0.11 -17.42 12.19
C PRO A 155 1.40 -17.20 12.29
N PRO A 156 2.06 -17.16 11.15
CA PRO A 156 3.50 -16.92 11.11
C PRO A 156 3.83 -15.49 11.45
N GLY A 157 5.13 -15.17 11.45
CA GLY A 157 5.55 -13.89 12.00
C GLY A 157 6.52 -13.04 11.19
N HIS A 158 7.29 -13.62 10.28
CA HIS A 158 8.51 -12.92 9.85
C HIS A 158 8.30 -11.71 8.93
N HIS A 159 7.10 -11.50 8.39
CA HIS A 159 6.81 -10.28 7.61
C HIS A 159 6.28 -9.14 8.47
N ALA A 160 6.03 -9.38 9.76
CA ALA A 160 5.54 -8.32 10.64
C ALA A 160 6.73 -7.53 11.17
N GLY A 161 6.76 -6.23 10.85
CA GLY A 161 7.83 -5.37 11.30
C GLY A 161 7.47 -4.63 12.58
N ILE A 162 8.25 -3.60 12.88
CA ILE A 162 8.06 -2.93 14.17
C ILE A 162 6.61 -2.50 14.37
N ASP A 163 6.04 -1.93 13.32
CA ASP A 163 4.70 -1.37 13.38
C ASP A 163 3.89 -1.65 12.10
N MET A 164 4.08 -2.84 11.52
N MET A 164 4.06 -2.82 11.49
CA MET A 164 3.36 -3.23 10.31
CA MET A 164 3.22 -3.14 10.33
C MET A 164 3.00 -4.71 10.30
C MET A 164 3.04 -4.64 10.13
N PHE A 165 1.79 -5.02 9.85
CA PHE A 165 1.40 -6.42 9.56
C PHE A 165 1.40 -6.61 8.06
N GLY A 166 1.47 -7.87 7.63
CA GLY A 166 1.38 -8.21 6.21
C GLY A 166 2.03 -9.56 5.96
N GLY A 167 1.86 -10.07 4.74
CA GLY A 167 2.45 -11.38 4.45
C GLY A 167 1.96 -12.50 5.38
N TYR A 168 0.71 -12.35 5.82
CA TYR A 168 0.02 -13.36 6.65
C TYR A 168 0.46 -13.30 8.12
N CYS A 169 1.23 -12.27 8.47
CA CYS A 169 1.91 -12.15 9.75
C CYS A 169 1.44 -10.92 10.54
N PHE A 170 1.34 -11.08 11.86
CA PHE A 170 0.87 -10.00 12.73
C PHE A 170 1.80 -9.73 13.89
N ILE A 171 2.24 -10.78 14.58
CA ILE A 171 3.23 -10.60 15.62
C ILE A 171 4.47 -11.40 15.19
N ASN A 172 5.65 -10.78 15.28
CA ASN A 172 6.84 -11.45 14.78
C ASN A 172 7.35 -12.42 15.85
N ASN A 173 6.84 -13.65 15.76
CA ASN A 173 7.13 -14.68 16.74
C ASN A 173 8.62 -14.95 16.95
N ALA A 174 9.37 -15.01 15.85
CA ALA A 174 10.80 -15.24 15.95
C ALA A 174 11.48 -14.08 16.67
N ALA A 175 11.07 -12.86 16.36
CA ALA A 175 11.64 -11.70 17.06
C ALA A 175 11.34 -11.73 18.55
N VAL A 176 10.12 -12.12 18.90
CA VAL A 176 9.73 -12.23 20.32
C VAL A 176 10.56 -13.31 20.99
N ALA A 177 10.78 -14.44 20.31
CA ALA A 177 11.62 -15.49 20.92
C ALA A 177 13.04 -15.01 21.15
N ALA A 178 13.60 -14.31 20.17
CA ALA A 178 14.97 -13.79 20.35
C ALA A 178 15.02 -12.83 21.51
N GLN A 179 14.04 -11.93 21.60
CA GLN A 179 13.98 -11.01 22.72
C GLN A 179 13.85 -11.76 24.05
N ARG A 180 13.05 -12.83 24.07
CA ARG A 180 12.87 -13.60 25.29
C ARG A 180 14.19 -14.22 25.74
N LEU A 181 14.98 -14.71 24.77
CA LEU A 181 16.30 -15.26 25.12
C LEU A 181 17.24 -14.20 25.70
N LEU A 182 17.23 -13.00 25.11
CA LEU A 182 18.01 -11.90 25.68
C LEU A 182 17.52 -11.58 27.08
N ASP A 183 16.20 -11.54 27.27
CA ASP A 183 15.64 -11.24 28.60
C ASP A 183 16.02 -12.28 29.66
N LYS A 184 16.22 -13.52 29.23
CA LYS A 184 16.59 -14.62 30.12
C LYS A 184 18.08 -14.70 30.38
N GLY A 185 18.87 -13.82 29.75
CA GLY A 185 20.28 -13.74 30.10
C GLY A 185 21.26 -13.78 28.94
N ALA A 186 20.79 -14.04 27.72
CA ALA A 186 21.67 -14.05 26.56
C ALA A 186 22.12 -12.62 26.26
N LYS A 187 23.33 -12.48 25.73
CA LYS A 187 23.80 -11.16 25.29
C LYS A 187 23.76 -11.01 23.77
N LYS A 188 23.87 -12.12 23.06
CA LYS A 188 23.90 -12.13 21.59
C LYS A 188 23.10 -13.32 21.08
N ILE A 189 22.16 -13.07 20.16
CA ILE A 189 21.30 -14.10 19.61
C ILE A 189 21.28 -13.90 18.11
N ALA A 190 21.17 -14.98 17.34
CA ALA A 190 20.97 -14.86 15.89
C ALA A 190 19.59 -15.38 15.49
N ILE A 191 19.04 -14.80 14.43
CA ILE A 191 17.85 -15.35 13.78
C ILE A 191 18.25 -15.70 12.36
N LEU A 192 17.98 -16.95 11.97
CA LEU A 192 18.34 -17.47 10.64
C LEU A 192 17.04 -17.80 9.94
N ASP A 193 16.72 -17.04 8.88
CA ASP A 193 15.41 -17.18 8.22
C ASP A 193 15.60 -17.94 6.92
N VAL A 194 15.12 -19.19 6.92
CA VAL A 194 15.25 -20.08 5.76
C VAL A 194 13.98 -20.22 4.91
N ASP A 195 12.92 -19.53 5.31
CA ASP A 195 11.72 -19.45 4.50
C ASP A 195 12.12 -18.88 3.12
N PHE A 196 11.39 -19.25 2.06
CA PHE A 196 11.70 -18.72 0.73
C PHE A 196 11.68 -17.19 0.68
N HIS A 197 10.80 -16.57 1.45
CA HIS A 197 10.64 -15.11 1.41
C HIS A 197 11.54 -14.41 2.42
N HIS A 198 12.00 -13.22 2.05
CA HIS A 198 12.79 -12.43 2.98
C HIS A 198 11.99 -12.14 4.25
N GLY A 199 12.64 -12.28 5.40
CA GLY A 199 11.98 -11.90 6.66
C GLY A 199 12.08 -10.39 6.87
N ASN A 200 11.34 -9.64 6.06
CA ASN A 200 11.46 -8.19 6.11
C ASN A 200 11.03 -7.59 7.44
N GLY A 201 10.05 -8.22 8.07
CA GLY A 201 9.62 -7.79 9.39
C GLY A 201 10.72 -7.98 10.44
N THR A 202 11.34 -9.15 10.42
CA THR A 202 12.42 -9.43 11.35
C THR A 202 13.57 -8.48 11.10
N GLN A 203 13.91 -8.27 9.82
CA GLN A 203 15.02 -7.36 9.52
C GLN A 203 14.73 -5.98 10.10
N ASP A 204 13.52 -5.49 9.88
CA ASP A 204 13.12 -4.16 10.36
C ASP A 204 13.33 -4.08 11.88
N ILE A 205 12.85 -5.08 12.62
CA ILE A 205 12.89 -5.04 14.07
C ILE A 205 14.32 -4.92 14.60
N PHE A 206 15.25 -5.65 13.98
CA PHE A 206 16.62 -5.69 14.50
C PHE A 206 17.69 -4.92 13.72
N TYR A 207 17.24 -4.12 12.74
CA TYR A 207 18.18 -3.46 11.83
C TYR A 207 19.15 -2.54 12.54
N GLU A 208 18.68 -1.89 13.60
CA GLU A 208 19.51 -0.94 14.35
C GLU A 208 19.86 -1.48 15.73
N ARG A 209 19.85 -2.81 15.87
CA ARG A 209 20.20 -3.45 17.14
C ARG A 209 21.43 -4.34 16.98
N GLY A 210 22.40 -4.15 17.86
CA GLY A 210 23.63 -4.92 17.80
C GLY A 210 23.63 -6.22 18.58
N ASP A 211 22.54 -6.47 19.31
CA ASP A 211 22.44 -7.68 20.15
C ASP A 211 21.85 -8.88 19.39
N VAL A 212 21.33 -8.63 18.20
CA VAL A 212 20.75 -9.67 17.35
C VAL A 212 21.35 -9.58 15.97
N PHE A 213 21.76 -10.73 15.46
CA PHE A 213 22.23 -10.88 14.09
C PHE A 213 21.10 -11.54 13.31
N PHE A 214 20.79 -11.00 12.13
CA PHE A 214 19.72 -11.53 11.30
C PHE A 214 20.31 -11.96 9.96
N ALA A 215 20.13 -13.22 9.60
CA ALA A 215 20.54 -13.75 8.30
C ALA A 215 19.32 -14.31 7.60
N SER A 216 19.17 -14.03 6.30
CA SER A 216 18.03 -14.52 5.55
C SER A 216 18.48 -15.01 4.19
N LEU A 217 18.03 -16.20 3.79
CA LEU A 217 18.20 -16.75 2.45
C LEU A 217 16.84 -16.67 1.78
N HIS A 218 16.73 -16.17 0.57
CA HIS A 218 15.39 -15.89 0.05
C HIS A 218 15.43 -15.61 -1.43
N GLY A 219 14.25 -15.69 -2.04
CA GLY A 219 14.08 -15.23 -3.41
C GLY A 219 14.43 -13.76 -3.52
N ASP A 220 15.17 -13.44 -4.59
CA ASP A 220 15.64 -12.08 -4.86
C ASP A 220 14.46 -11.09 -4.82
N PRO A 221 14.53 -10.04 -3.99
CA PRO A 221 13.37 -9.15 -3.88
C PRO A 221 13.16 -8.31 -5.14
N ALA A 222 14.13 -8.28 -6.05
CA ALA A 222 13.88 -7.67 -7.36
C ALA A 222 12.71 -8.33 -8.08
N GLU A 223 12.44 -9.60 -7.78
CA GLU A 223 11.35 -10.34 -8.43
C GLU A 223 10.50 -11.24 -7.50
N ALA A 224 10.68 -11.11 -6.19
CA ALA A 224 9.90 -11.92 -5.26
C ALA A 224 9.34 -11.10 -4.11
N PHE A 225 8.16 -11.46 -3.66
CA PHE A 225 7.64 -10.98 -2.38
C PHE A 225 8.72 -11.17 -1.29
N PRO A 226 8.93 -10.19 -0.41
CA PRO A 226 8.12 -8.98 -0.17
C PRO A 226 8.47 -7.77 -1.01
N HIS A 227 9.36 -7.92 -1.98
CA HIS A 227 9.61 -6.90 -3.02
C HIS A 227 10.40 -5.65 -2.62
N PHE A 228 10.39 -5.24 -1.35
CA PHE A 228 10.92 -3.92 -1.01
C PHE A 228 11.93 -3.96 0.12
N LEU A 229 12.51 -5.14 0.36
CA LEU A 229 13.60 -5.27 1.32
C LEU A 229 14.25 -6.62 1.02
N GLY A 230 15.49 -6.83 1.44
CA GLY A 230 16.13 -8.12 1.27
C GLY A 230 17.32 -8.10 0.33
N TYR A 231 17.74 -6.91 -0.11
CA TYR A 231 18.91 -6.83 -0.98
C TYR A 231 20.20 -7.05 -0.19
N ALA A 232 21.21 -7.59 -0.84
CA ALA A 232 22.48 -7.90 -0.17
C ALA A 232 23.17 -6.68 0.43
N GLU A 233 22.94 -5.50 -0.15
CA GLU A 233 23.56 -4.28 0.33
C GLU A 233 23.09 -3.84 1.72
N GLU A 234 21.97 -4.41 2.18
CA GLU A 234 21.39 -4.05 3.49
C GLU A 234 22.11 -4.79 4.60
N THR A 235 23.06 -4.13 5.27
CA THR A 235 23.87 -4.80 6.27
C THR A 235 23.66 -4.30 7.70
N GLY A 236 22.78 -3.32 7.89
CA GLY A 236 22.52 -2.78 9.21
C GLY A 236 22.81 -1.30 9.29
N LYS A 237 22.41 -0.68 10.40
CA LYS A 237 22.51 0.76 10.56
C LYS A 237 22.70 1.08 12.05
N GLY A 238 23.49 2.11 12.33
CA GLY A 238 23.67 2.58 13.70
C GLY A 238 24.21 1.46 14.57
N ALA A 239 23.55 1.21 15.70
CA ALA A 239 23.99 0.16 16.62
C ALA A 239 24.00 -1.21 15.98
N GLY A 240 23.19 -1.37 14.94
CA GLY A 240 23.10 -2.63 14.22
C GLY A 240 24.05 -2.79 13.04
N ALA A 241 25.01 -1.88 12.88
CA ALA A 241 25.92 -2.00 11.72
C ALA A 241 26.56 -3.39 11.65
N GLY A 242 26.49 -4.03 10.49
CA GLY A 242 27.15 -5.32 10.29
C GLY A 242 26.40 -6.53 10.82
N THR A 243 25.13 -6.37 11.19
CA THR A 243 24.37 -7.49 11.77
C THR A 243 23.15 -7.91 10.95
N THR A 244 23.06 -7.48 9.69
CA THR A 244 22.10 -8.08 8.76
C THR A 244 22.87 -8.69 7.61
N ALA A 245 22.56 -9.95 7.27
CA ALA A 245 23.17 -10.63 6.12
C ALA A 245 22.10 -11.24 5.26
N ASN A 246 21.86 -10.62 4.10
CA ASN A 246 20.88 -11.11 3.13
C ASN A 246 21.53 -11.88 2.01
N TYR A 247 20.93 -13.01 1.67
CA TYR A 247 21.39 -13.87 0.58
C TYR A 247 20.26 -14.07 -0.43
N PRO A 248 20.01 -13.06 -1.29
CA PRO A 248 19.02 -13.18 -2.36
C PRO A 248 19.50 -14.14 -3.44
N MET A 249 18.58 -14.99 -3.90
CA MET A 249 18.90 -16.02 -4.91
C MET A 249 17.79 -16.07 -5.95
N GLY A 250 18.10 -16.62 -7.13
CA GLY A 250 17.21 -16.52 -8.27
C GLY A 250 16.34 -17.72 -8.58
N ARG A 251 15.62 -17.63 -9.69
N ARG A 251 15.62 -17.63 -9.69
CA ARG A 251 14.65 -18.66 -10.08
CA ARG A 251 14.69 -18.67 -10.10
C ARG A 251 15.29 -20.02 -10.30
C ARG A 251 15.37 -20.02 -10.20
N GLY A 252 14.71 -21.05 -9.68
CA GLY A 252 15.17 -22.43 -9.86
C GLY A 252 16.27 -22.86 -8.90
N THR A 253 16.63 -22.01 -7.94
CA THR A 253 17.78 -22.32 -7.08
C THR A 253 17.61 -23.66 -6.37
N PRO A 254 18.54 -24.58 -6.57
CA PRO A 254 18.50 -25.89 -5.90
C PRO A 254 19.37 -25.92 -4.64
N TYR A 255 19.35 -27.03 -3.93
CA TYR A 255 20.10 -27.09 -2.67
C TYR A 255 21.60 -26.93 -2.89
N SER A 256 22.10 -27.39 -4.03
CA SER A 256 23.54 -27.30 -4.23
C SER A 256 24.03 -25.85 -4.18
N VAL A 257 23.17 -24.91 -4.59
CA VAL A 257 23.50 -23.50 -4.50
C VAL A 257 23.03 -22.92 -3.16
N TRP A 258 21.80 -23.23 -2.80
CA TRP A 258 21.20 -22.69 -1.58
C TRP A 258 22.04 -23.06 -0.35
N GLY A 259 22.54 -24.30 -0.30
CA GLY A 259 23.35 -24.73 0.82
C GLY A 259 24.67 -23.99 0.94
N GLU A 260 25.20 -23.45 -0.15
CA GLU A 260 26.39 -22.60 -0.05
C GLU A 260 26.11 -21.32 0.69
N ALA A 261 24.95 -20.72 0.45
CA ALA A 261 24.56 -19.54 1.21
C ALA A 261 24.33 -19.91 2.66
N LEU A 262 23.75 -21.08 2.90
CA LEU A 262 23.56 -21.54 4.28
C LEU A 262 24.89 -21.62 5.04
N THR A 263 25.88 -22.26 4.43
CA THR A 263 27.21 -22.36 5.02
C THR A 263 27.75 -20.99 5.33
N ASP A 264 27.63 -20.06 4.39
CA ASP A 264 28.16 -18.73 4.65
C ASP A 264 27.42 -18.02 5.79
N SER A 265 26.10 -18.15 5.82
CA SER A 265 25.33 -17.50 6.87
C SER A 265 25.74 -18.02 8.24
N LEU A 266 26.04 -19.31 8.32
CA LEU A 266 26.40 -19.93 9.60
C LEU A 266 27.78 -19.47 10.04
N LYS A 267 28.68 -19.23 9.08
N LYS A 267 28.68 -19.25 9.07
CA LYS A 267 29.98 -18.66 9.36
CA LYS A 267 30.00 -18.74 9.37
C LYS A 267 29.81 -17.28 9.99
C LYS A 267 29.92 -17.35 9.99
N ARG A 268 28.95 -16.46 9.37
N ARG A 268 29.01 -16.52 9.45
CA ARG A 268 28.69 -15.11 9.86
CA ARG A 268 28.83 -15.16 9.94
C ARG A 268 28.14 -15.16 11.28
C ARG A 268 28.12 -15.13 11.30
N ILE A 269 27.17 -16.04 11.51
CA ILE A 269 26.54 -16.18 12.82
C ILE A 269 27.57 -16.61 13.89
N ALA A 270 28.43 -17.55 13.53
CA ALA A 270 29.49 -18.01 14.45
C ALA A 270 30.46 -16.86 14.79
N ALA A 271 30.82 -16.05 13.81
CA ALA A 271 31.73 -14.94 14.04
C ALA A 271 31.09 -13.86 14.91
N PHE A 272 29.78 -13.71 14.80
CA PHE A 272 29.03 -12.78 15.65
C PHE A 272 29.00 -13.26 17.10
N GLY A 273 29.08 -14.58 17.30
CA GLY A 273 29.11 -15.14 18.64
C GLY A 273 27.72 -15.36 19.23
N ALA A 274 26.76 -15.74 18.38
CA ALA A 274 25.40 -16.03 18.84
C ALA A 274 25.41 -17.13 19.90
N GLU A 275 24.69 -16.92 20.99
CA GLU A 275 24.57 -17.94 22.04
C GLU A 275 23.49 -18.98 21.71
N ALA A 276 22.58 -18.62 20.81
CA ALA A 276 21.54 -19.54 20.31
C ALA A 276 21.07 -19.00 18.98
N ILE A 277 20.50 -19.88 18.17
CA ILE A 277 19.92 -19.49 16.88
C ILE A 277 18.42 -19.77 16.86
N VAL A 278 17.65 -18.72 16.61
CA VAL A 278 16.22 -18.89 16.34
C VAL A 278 16.08 -19.09 14.83
N VAL A 279 15.61 -20.26 14.42
CA VAL A 279 15.45 -20.56 13.01
C VAL A 279 14.02 -20.25 12.59
N SER A 280 13.87 -19.28 11.70
CA SER A 280 12.57 -18.99 11.11
C SER A 280 12.42 -19.97 9.94
N LEU A 281 11.68 -21.04 10.21
CA LEU A 281 11.57 -22.14 9.27
C LEU A 281 10.32 -22.04 8.41
N GLY A 282 10.51 -21.70 7.15
CA GLY A 282 9.45 -21.91 6.18
C GLY A 282 9.92 -22.98 5.20
N VAL A 283 8.97 -23.80 4.73
CA VAL A 283 9.32 -24.87 3.80
C VAL A 283 8.76 -24.59 2.41
N ASP A 284 8.47 -23.30 2.17
CA ASP A 284 8.07 -22.84 0.84
C ASP A 284 9.24 -22.75 -0.15
N THR A 285 10.42 -23.18 0.30
CA THR A 285 11.56 -23.42 -0.60
C THR A 285 11.42 -24.72 -1.40
N PHE A 286 10.39 -25.51 -1.11
CA PHE A 286 10.15 -26.82 -1.73
C PHE A 286 9.84 -26.69 -3.21
N GLU A 287 10.30 -27.65 -3.98
CA GLU A 287 10.10 -27.61 -5.43
C GLU A 287 8.62 -27.62 -5.88
N GLN A 288 7.70 -28.03 -4.99
CA GLN A 288 6.26 -28.00 -5.29
C GLN A 288 5.48 -26.82 -4.67
N ASP A 289 6.15 -25.89 -4.01
CA ASP A 289 5.42 -24.81 -3.36
C ASP A 289 4.68 -23.93 -4.37
N PRO A 290 3.39 -23.65 -4.11
CA PRO A 290 2.57 -22.94 -5.10
C PRO A 290 2.90 -21.47 -5.36
N ILE A 291 3.64 -20.83 -4.46
CA ILE A 291 3.87 -19.40 -4.62
C ILE A 291 5.37 -19.04 -4.69
N SER A 292 6.25 -20.04 -4.89
CA SER A 292 7.71 -19.83 -4.73
C SER A 292 8.55 -20.51 -5.82
N PHE A 293 9.81 -20.09 -5.96
CA PHE A 293 10.61 -20.53 -7.12
C PHE A 293 11.94 -21.23 -6.80
N PHE A 294 12.10 -21.72 -5.58
CA PHE A 294 13.24 -22.58 -5.28
C PHE A 294 12.92 -24.05 -5.51
N LYS A 295 13.96 -24.88 -5.52
CA LYS A 295 13.80 -26.28 -5.92
C LYS A 295 14.42 -27.25 -4.92
N LEU A 296 14.14 -27.04 -3.64
CA LEU A 296 14.58 -28.01 -2.63
C LEU A 296 13.73 -29.26 -2.66
N THR A 297 14.34 -30.40 -2.37
CA THR A 297 13.64 -31.67 -2.33
C THR A 297 13.39 -32.04 -0.87
N SER A 298 12.49 -32.99 -0.65
CA SER A 298 12.23 -33.38 0.74
C SER A 298 13.48 -33.85 1.51
N PRO A 299 14.35 -34.66 0.88
CA PRO A 299 15.57 -35.05 1.60
C PRO A 299 16.47 -33.87 1.95
N ASP A 300 16.44 -32.79 1.17
CA ASP A 300 17.28 -31.63 1.49
C ASP A 300 17.00 -31.02 2.85
N TYR A 301 15.77 -31.17 3.34
CA TYR A 301 15.42 -30.60 4.64
C TYR A 301 16.15 -31.30 5.77
N ILE A 302 16.47 -32.59 5.59
CA ILE A 302 17.25 -33.30 6.62
C ILE A 302 18.65 -32.69 6.65
N THR A 303 19.26 -32.54 5.48
CA THR A 303 20.57 -31.92 5.35
C THR A 303 20.60 -30.54 6.00
N MET A 304 19.55 -29.75 5.75
CA MET A 304 19.47 -28.40 6.26
C MET A 304 19.47 -28.41 7.79
N GLY A 305 18.59 -29.22 8.38
CA GLY A 305 18.54 -29.31 9.84
C GLY A 305 19.85 -29.75 10.46
N ARG A 306 20.49 -30.75 9.86
N ARG A 306 20.50 -30.75 9.86
CA ARG A 306 21.77 -31.25 10.36
CA ARG A 306 21.77 -31.24 10.38
C ARG A 306 22.82 -30.15 10.33
C ARG A 306 22.83 -30.15 10.33
N THR A 307 22.89 -29.42 9.22
CA THR A 307 23.90 -28.39 9.05
C THR A 307 23.69 -27.24 10.04
N ILE A 308 22.44 -26.81 10.23
CA ILE A 308 22.21 -25.74 11.18
C ILE A 308 22.56 -26.18 12.60
N ALA A 309 22.24 -27.42 12.94
CA ALA A 309 22.52 -27.93 14.28
C ALA A 309 24.02 -28.19 14.56
N ALA A 310 24.80 -28.33 13.49
N ALA A 310 24.81 -28.38 13.51
CA ALA A 310 26.24 -28.56 13.62
CA ALA A 310 26.15 -28.99 13.64
C ALA A 310 26.96 -27.28 14.05
C ALA A 310 27.15 -28.32 14.59
N SER A 311 26.22 -26.17 14.13
N SER A 311 26.97 -27.02 14.84
CA SER A 311 26.71 -24.94 14.74
CA SER A 311 27.92 -26.27 15.66
C SER A 311 27.17 -25.21 16.17
C SER A 311 27.74 -26.53 17.15
N GLY A 312 26.55 -26.22 16.79
N GLY A 312 26.55 -26.97 17.53
CA GLY A 312 26.87 -26.57 18.15
CA GLY A 312 26.27 -27.26 18.92
C GLY A 312 26.21 -25.64 19.17
C GLY A 312 25.50 -26.17 19.64
N VAL A 313 25.36 -24.74 18.71
N VAL A 313 25.38 -25.01 19.01
CA VAL A 313 24.61 -23.89 19.64
CA VAL A 313 24.62 -23.93 19.62
C VAL A 313 23.14 -24.25 19.63
C VAL A 313 23.14 -24.30 19.64
N PRO A 314 22.44 -23.97 20.74
CA PRO A 314 21.03 -24.37 20.81
C PRO A 314 20.16 -23.70 19.75
N LEU A 315 19.16 -24.44 19.28
CA LEU A 315 18.26 -23.97 18.23
C LEU A 315 16.84 -23.92 18.72
N LEU A 316 16.15 -22.80 18.47
CA LEU A 316 14.69 -22.79 18.53
C LEU A 316 14.17 -22.73 17.12
N VAL A 317 13.43 -23.74 16.68
CA VAL A 317 12.84 -23.72 15.34
C VAL A 317 11.44 -23.12 15.46
N VAL A 318 11.19 -22.04 14.73
CA VAL A 318 9.93 -21.31 14.75
C VAL A 318 9.25 -21.42 13.38
N MET A 319 8.02 -21.93 13.36
CA MET A 319 7.34 -22.15 12.09
C MET A 319 6.95 -20.83 11.41
N GLU A 320 7.26 -20.76 10.11
CA GLU A 320 6.86 -19.65 9.26
C GLU A 320 5.99 -20.20 8.13
N GLY A 321 6.39 -20.05 6.86
CA GLY A 321 5.56 -20.46 5.72
C GLY A 321 5.81 -21.85 5.15
N GLY A 322 5.24 -22.09 3.97
CA GLY A 322 5.14 -23.42 3.35
C GLY A 322 3.66 -23.72 3.11
N TYR A 323 3.26 -23.90 1.86
CA TYR A 323 1.86 -23.84 1.48
C TYR A 323 1.43 -24.97 0.53
N GLY A 324 0.13 -25.17 0.42
CA GLY A 324 -0.47 -25.88 -0.69
C GLY A 324 -0.64 -27.38 -0.55
N VAL A 325 0.43 -28.05 -0.18
CA VAL A 325 0.44 -29.53 -0.20
C VAL A 325 0.75 -30.10 1.18
N PRO A 326 0.16 -31.29 1.50
CA PRO A 326 0.39 -31.87 2.84
C PRO A 326 1.87 -32.22 3.09
N GLU A 327 2.66 -32.31 2.03
CA GLU A 327 4.11 -32.51 2.18
C GLU A 327 4.84 -31.39 2.93
N ILE A 328 4.20 -30.24 3.13
CA ILE A 328 4.80 -29.26 4.05
C ILE A 328 5.11 -29.93 5.39
N GLY A 329 4.28 -30.88 5.79
CA GLY A 329 4.53 -31.57 7.05
C GLY A 329 5.78 -32.41 7.05
N LEU A 330 5.92 -33.27 6.04
CA LEU A 330 7.14 -34.06 5.87
C LEU A 330 8.37 -33.18 5.84
N ASN A 331 8.28 -32.05 5.14
CA ASN A 331 9.46 -31.21 5.02
C ASN A 331 9.87 -30.58 6.35
N VAL A 332 8.88 -30.09 7.11
CA VAL A 332 9.18 -29.60 8.45
C VAL A 332 9.75 -30.70 9.33
N ALA A 333 9.09 -31.85 9.33
CA ALA A 333 9.54 -32.97 10.15
C ALA A 333 10.97 -33.35 9.75
N ASN A 334 11.30 -33.29 8.46
CA ASN A 334 12.67 -33.61 8.06
C ASN A 334 13.70 -32.64 8.60
N VAL A 335 13.36 -31.35 8.72
CA VAL A 335 14.30 -30.42 9.34
C VAL A 335 14.55 -30.88 10.78
N LEU A 336 13.47 -31.22 11.48
CA LEU A 336 13.62 -31.66 12.87
C LEU A 336 14.43 -32.96 12.98
N LYS A 337 14.24 -33.88 12.03
CA LYS A 337 15.06 -35.10 12.00
C LYS A 337 16.53 -34.75 11.87
N GLY A 338 16.85 -33.78 11.02
CA GLY A 338 18.23 -33.35 10.84
C GLY A 338 18.81 -32.73 12.12
N VAL A 339 18.01 -31.91 12.79
CA VAL A 339 18.43 -31.34 14.06
C VAL A 339 18.64 -32.40 15.13
N ALA A 340 17.76 -33.39 15.20
CA ALA A 340 17.77 -34.36 16.31
C ALA A 340 18.70 -35.53 16.08
N GLY A 341 19.11 -35.73 14.83
CA GLY A 341 19.84 -36.91 14.46
C GLY A 341 21.31 -36.93 14.83
N MET B 1 -18.87 28.96 -22.90
CA MET B 1 -17.57 28.29 -22.80
C MET B 1 -17.55 26.93 -23.50
N ARG B 2 -16.41 26.61 -24.07
CA ARG B 2 -16.24 25.32 -24.71
C ARG B 2 -16.06 24.20 -23.70
N VAL B 3 -16.63 23.05 -24.03
CA VAL B 3 -16.52 21.82 -23.25
C VAL B 3 -15.68 20.85 -24.09
N ILE B 4 -14.56 20.41 -23.56
N ILE B 4 -14.59 20.35 -23.53
CA ILE B 4 -13.70 19.41 -24.21
CA ILE B 4 -13.71 19.41 -24.24
C ILE B 4 -13.99 18.05 -23.61
C ILE B 4 -13.87 18.02 -23.63
N PHE B 5 -14.28 17.07 -24.46
CA PHE B 5 -14.68 15.77 -23.98
C PHE B 5 -14.37 14.70 -24.99
N SER B 6 -13.73 13.62 -24.54
CA SER B 6 -13.43 12.48 -25.40
C SER B 6 -14.30 11.27 -25.09
N GLU B 7 -14.93 10.70 -26.11
CA GLU B 7 -15.64 9.44 -25.94
C GLU B 7 -14.70 8.29 -25.53
N ASP B 8 -13.40 8.47 -25.70
CA ASP B 8 -12.45 7.42 -25.34
C ASP B 8 -12.30 7.23 -23.82
N HIS B 9 -12.96 8.08 -23.01
CA HIS B 9 -13.00 7.83 -21.57
C HIS B 9 -13.53 6.41 -21.31
N LYS B 10 -14.39 5.92 -22.20
CA LYS B 10 -15.09 4.66 -22.01
C LYS B 10 -14.14 3.47 -22.07
N LEU B 11 -12.93 3.69 -22.58
CA LEU B 11 -11.95 2.61 -22.60
C LEU B 11 -11.52 2.24 -21.18
N ARG B 12 -11.70 3.14 -20.23
CA ARG B 12 -11.60 2.81 -18.80
C ARG B 12 -12.98 2.37 -18.35
N ASN B 13 -13.14 1.06 -18.24
CA ASN B 13 -14.41 0.46 -17.79
C ASN B 13 -14.04 -0.76 -16.95
N ALA B 14 -13.31 -0.52 -15.87
CA ALA B 14 -12.82 -1.58 -15.00
C ALA B 14 -13.99 -2.33 -14.38
N LYS B 15 -13.78 -3.60 -14.12
CA LYS B 15 -14.82 -4.45 -13.56
C LYS B 15 -14.86 -4.34 -12.02
N THR B 16 -13.71 -4.05 -11.41
CA THR B 16 -13.56 -4.19 -9.97
C THR B 16 -12.86 -3.04 -9.28
N GLU B 17 -13.26 -2.85 -8.03
CA GLU B 17 -12.65 -1.90 -7.09
C GLU B 17 -12.64 -2.60 -5.75
N LEU B 18 -11.53 -2.47 -5.02
CA LEU B 18 -11.45 -3.05 -3.68
C LEU B 18 -12.00 -2.02 -2.70
N TYR B 19 -13.17 -2.32 -2.13
CA TYR B 19 -13.88 -1.40 -1.24
C TYR B 19 -14.52 -2.22 -0.11
N GLY B 20 -14.19 -1.87 1.12
CA GLY B 20 -14.74 -2.57 2.27
C GLY B 20 -14.41 -4.04 2.30
N GLY B 21 -13.24 -4.42 1.77
CA GLY B 21 -12.81 -5.80 1.78
C GLY B 21 -13.53 -6.66 0.75
N GLU B 22 -14.20 -6.03 -0.21
CA GLU B 22 -14.88 -6.74 -1.28
C GLU B 22 -14.42 -6.15 -2.61
N LEU B 23 -14.55 -6.94 -3.67
CA LEU B 23 -14.35 -6.45 -5.02
C LEU B 23 -15.70 -6.15 -5.62
N VAL B 24 -15.97 -4.86 -5.82
CA VAL B 24 -17.27 -4.37 -6.22
C VAL B 24 -17.12 -3.59 -7.53
N PRO B 25 -18.23 -3.33 -8.23
CA PRO B 25 -18.10 -2.47 -9.42
C PRO B 25 -17.61 -1.08 -9.02
N PRO B 26 -16.72 -0.46 -9.81
N PRO B 26 -16.72 -0.50 -9.85
CA PRO B 26 -16.14 0.83 -9.41
CA PRO B 26 -16.02 0.73 -9.52
C PRO B 26 -17.12 2.01 -9.23
C PRO B 26 -16.99 1.88 -9.56
N PHE B 27 -16.83 2.89 -8.29
N PHE B 27 -16.94 2.69 -8.53
CA PHE B 27 -17.52 4.17 -8.18
CA PHE B 27 -17.79 3.85 -8.42
C PHE B 27 -17.26 5.04 -9.41
C PHE B 27 -17.40 4.91 -9.44
N GLU B 28 -16.05 4.97 -9.96
N GLU B 28 -16.13 4.95 -9.80
CA GLU B 28 -15.65 5.85 -11.05
CA GLU B 28 -15.69 5.80 -10.91
C GLU B 28 -15.92 5.16 -12.39
C GLU B 28 -15.90 4.99 -12.18
N ALA B 29 -17.18 5.17 -12.79
N ALA B 29 -16.98 5.31 -12.89
CA ALA B 29 -17.65 4.39 -13.92
CA ALA B 29 -17.49 4.47 -13.95
C ALA B 29 -18.09 5.31 -15.06
C ALA B 29 -17.97 5.36 -15.10
N PRO B 30 -18.09 4.79 -16.31
CA PRO B 30 -18.44 5.61 -17.48
C PRO B 30 -19.74 6.39 -17.36
N PHE B 31 -20.74 5.87 -16.65
CA PHE B 31 -22.00 6.62 -16.51
C PHE B 31 -21.76 8.03 -15.95
N ARG B 32 -20.73 8.22 -15.14
CA ARG B 32 -20.45 9.55 -14.57
C ARG B 32 -20.28 10.58 -15.66
N ALA B 33 -19.46 10.25 -16.65
CA ALA B 33 -19.25 11.20 -17.74
C ALA B 33 -20.51 11.42 -18.54
N GLU B 34 -21.30 10.36 -18.78
CA GLU B 34 -22.55 10.52 -19.50
C GLU B 34 -23.48 11.47 -18.78
N TRP B 35 -23.62 11.30 -17.48
CA TRP B 35 -24.52 12.14 -16.68
C TRP B 35 -24.07 13.58 -16.66
N ILE B 36 -22.77 13.79 -16.49
CA ILE B 36 -22.25 15.14 -16.39
C ILE B 36 -22.38 15.84 -17.77
N LEU B 37 -22.04 15.14 -18.84
CA LEU B 37 -22.19 15.72 -20.16
C LEU B 37 -23.62 16.15 -20.44
N ALA B 38 -24.58 15.27 -20.16
CA ALA B 38 -25.96 15.58 -20.41
C ALA B 38 -26.40 16.82 -19.62
N ALA B 39 -25.94 16.94 -18.38
CA ALA B 39 -26.37 18.05 -17.54
C ALA B 39 -25.75 19.37 -17.99
N VAL B 40 -24.49 19.35 -18.43
CA VAL B 40 -23.89 20.60 -18.88
C VAL B 40 -24.55 21.06 -20.17
N LYS B 41 -24.86 20.13 -21.07
CA LYS B 41 -25.60 20.49 -22.28
C LYS B 41 -26.98 21.06 -21.92
N GLU B 42 -27.67 20.46 -20.95
CA GLU B 42 -28.99 20.92 -20.55
C GLU B 42 -28.95 22.36 -20.01
N ALA B 43 -27.82 22.72 -19.39
CA ALA B 43 -27.62 24.06 -18.84
C ALA B 43 -27.16 25.07 -19.90
N GLY B 44 -27.05 24.61 -21.14
CA GLY B 44 -26.76 25.52 -22.24
C GLY B 44 -25.30 25.48 -22.68
N PHE B 45 -24.49 24.61 -22.07
CA PHE B 45 -23.10 24.46 -22.46
C PHE B 45 -22.98 23.36 -23.48
N ASP B 46 -23.41 23.66 -24.70
CA ASP B 46 -23.49 22.64 -25.73
C ASP B 46 -22.42 22.77 -26.82
N ASP B 47 -21.44 23.65 -26.62
CA ASP B 47 -20.28 23.72 -27.53
C ASP B 47 -19.26 22.66 -27.11
N VAL B 48 -19.56 21.41 -27.44
CA VAL B 48 -18.76 20.26 -27.01
C VAL B 48 -17.88 19.80 -28.16
N VAL B 49 -16.60 19.68 -27.89
CA VAL B 49 -15.69 19.22 -28.92
CA VAL B 49 -15.63 19.29 -28.90
C VAL B 49 -14.73 18.18 -28.37
N ALA B 50 -14.34 17.25 -29.24
CA ALA B 50 -13.35 16.23 -28.87
C ALA B 50 -11.96 16.88 -28.85
N PRO B 51 -11.08 16.40 -27.97
CA PRO B 51 -9.70 16.89 -27.97
C PRO B 51 -8.95 16.31 -29.17
N ALA B 52 -8.01 17.09 -29.67
CA ALA B 52 -6.97 16.51 -30.53
C ALA B 52 -6.13 15.55 -29.67
N ARG B 53 -5.55 14.54 -30.30
N ARG B 53 -5.56 14.53 -30.26
N ARG B 53 -5.55 14.54 -30.30
CA ARG B 53 -4.67 13.63 -29.56
CA ARG B 53 -4.73 13.66 -29.43
CA ARG B 53 -4.66 13.64 -29.57
C ARG B 53 -3.35 14.32 -29.27
C ARG B 53 -3.34 14.26 -29.29
C ARG B 53 -3.37 14.37 -29.23
N HIS B 54 -2.72 13.93 -28.16
CA HIS B 54 -1.41 14.47 -27.79
C HIS B 54 -0.48 13.36 -27.38
N GLY B 55 0.80 13.54 -27.70
CA GLY B 55 1.83 12.64 -27.19
C GLY B 55 2.27 13.04 -25.79
N LEU B 56 3.49 12.67 -25.41
CA LEU B 56 3.89 12.76 -24.01
C LEU B 56 4.73 13.99 -23.64
N GLU B 57 4.87 14.94 -24.59
N GLU B 57 4.88 14.95 -24.55
CA GLU B 57 5.69 16.14 -24.37
CA GLU B 57 5.81 16.03 -24.28
C GLU B 57 5.41 16.77 -23.02
C GLU B 57 5.44 16.87 -23.05
N THR B 58 4.16 17.15 -22.84
CA THR B 58 3.77 17.94 -21.68
C THR B 58 3.81 17.09 -20.41
N VAL B 59 3.26 15.88 -20.50
CA VAL B 59 3.10 15.03 -19.32
C VAL B 59 4.45 14.58 -18.76
N LEU B 60 5.47 14.44 -19.60
CA LEU B 60 6.78 14.04 -19.12
C LEU B 60 7.41 15.09 -18.20
N LYS B 61 6.85 16.31 -18.19
CA LYS B 61 7.36 17.39 -17.34
C LYS B 61 6.71 17.36 -15.94
N VAL B 62 5.67 16.55 -15.75
CA VAL B 62 5.04 16.42 -14.44
C VAL B 62 5.04 14.99 -13.86
N HIS B 63 5.13 13.98 -14.74
CA HIS B 63 5.22 12.59 -14.28
C HIS B 63 6.54 11.99 -14.66
N ASP B 64 6.99 11.07 -13.82
CA ASP B 64 8.22 10.33 -14.06
C ASP B 64 8.10 9.42 -15.29
N ALA B 65 9.17 9.32 -16.10
CA ALA B 65 9.13 8.52 -17.32
C ALA B 65 8.96 7.04 -17.06
N GLY B 66 9.61 6.54 -16.03
CA GLY B 66 9.48 5.14 -15.63
C GLY B 66 8.04 4.82 -15.28
N TYR B 67 7.40 5.73 -14.55
CA TYR B 67 5.97 5.59 -14.21
C TYR B 67 5.09 5.51 -15.45
N LEU B 68 5.29 6.41 -16.40
CA LEU B 68 4.46 6.39 -17.60
C LEU B 68 4.72 5.12 -18.41
N ASN B 69 5.98 4.70 -18.51
N ASN B 69 5.97 4.70 -18.50
CA ASN B 69 6.29 3.45 -19.19
CA ASN B 69 6.31 3.46 -19.19
C ASN B 69 5.61 2.26 -18.53
C ASN B 69 5.63 2.25 -18.53
N PHE B 70 5.61 2.27 -17.20
CA PHE B 70 4.93 1.24 -16.43
C PHE B 70 3.44 1.21 -16.79
N LEU B 71 2.77 2.37 -16.79
CA LEU B 71 1.34 2.36 -17.08
C LEU B 71 1.05 1.84 -18.49
N GLU B 72 1.91 2.16 -19.42
CA GLU B 72 1.68 1.79 -20.82
C GLU B 72 1.63 0.27 -21.01
N THR B 73 2.40 -0.47 -20.23
CA THR B 73 2.47 -1.92 -20.38
C THR B 73 1.93 -2.73 -19.22
N ALA B 74 1.38 -2.08 -18.19
CA ALA B 74 1.00 -2.79 -16.97
C ALA B 74 -0.02 -3.92 -17.17
N TRP B 75 -1.08 -3.61 -17.90
CA TRP B 75 -2.08 -4.61 -18.19
C TRP B 75 -1.52 -5.81 -18.93
N ASP B 76 -0.76 -5.54 -20.00
CA ASP B 76 -0.18 -6.64 -20.76
C ASP B 76 0.70 -7.54 -19.90
N ARG B 77 1.51 -6.91 -19.05
CA ARG B 77 2.41 -7.68 -18.21
C ARG B 77 1.67 -8.48 -17.14
N TRP B 78 0.59 -7.89 -16.63
CA TRP B 78 -0.17 -8.55 -15.56
C TRP B 78 -0.82 -9.80 -16.13
N LYS B 79 -1.41 -9.66 -17.31
CA LYS B 79 -2.05 -10.78 -17.98
C LYS B 79 -1.04 -11.87 -18.34
N ALA B 80 0.16 -11.45 -18.76
CA ALA B 80 1.19 -12.42 -19.16
C ALA B 80 1.71 -13.21 -17.97
N ALA B 81 1.62 -12.63 -16.79
CA ALA B 81 2.08 -13.30 -15.57
C ALA B 81 1.06 -14.36 -15.13
N GLY B 82 -0.09 -14.40 -15.77
CA GLY B 82 -1.07 -15.44 -15.50
C GLY B 82 -2.10 -15.10 -14.42
N TYR B 83 -2.08 -13.88 -13.91
CA TYR B 83 -3.09 -13.48 -12.93
C TYR B 83 -4.49 -13.41 -13.55
N LYS B 84 -5.50 -13.79 -12.78
CA LYS B 84 -6.85 -13.98 -13.33
C LYS B 84 -7.77 -12.76 -13.19
N GLY B 85 -7.52 -11.92 -12.19
CA GLY B 85 -8.35 -10.75 -11.98
C GLY B 85 -7.71 -9.53 -12.64
N GLU B 86 -8.24 -8.35 -12.34
CA GLU B 86 -7.64 -7.12 -12.82
C GLU B 86 -6.38 -6.84 -12.00
N ALA B 87 -5.61 -5.86 -12.44
CA ALA B 87 -4.29 -5.59 -11.87
C ALA B 87 -4.42 -4.72 -10.63
N ILE B 88 -4.23 -5.34 -9.47
CA ILE B 88 -4.38 -4.66 -8.17
C ILE B 88 -3.11 -4.87 -7.35
N ALA B 89 -2.53 -3.78 -6.88
CA ALA B 89 -1.33 -3.85 -6.05
C ALA B 89 -1.59 -4.48 -4.68
N THR B 90 -0.57 -5.14 -4.14
CA THR B 90 -0.66 -5.78 -2.82
C THR B 90 0.49 -5.28 -1.91
N SER B 91 1.74 -5.50 -2.31
N SER B 91 1.74 -5.47 -2.34
CA SER B 91 2.89 -4.99 -1.56
CA SER B 91 2.88 -5.02 -1.54
C SER B 91 3.18 -3.56 -1.91
C SER B 91 3.29 -3.59 -1.90
N PHE B 92 3.49 -2.76 -0.89
CA PHE B 92 3.79 -1.34 -1.09
C PHE B 92 5.11 -0.92 -0.44
N PRO B 93 5.78 0.06 -1.03
CA PRO B 93 7.02 0.55 -0.42
C PRO B 93 6.70 1.53 0.71
N VAL B 94 6.49 0.97 1.90
CA VAL B 94 6.07 1.73 3.08
C VAL B 94 7.29 2.11 3.93
N ARG B 95 7.12 2.35 5.24
CA ARG B 95 8.22 2.84 6.09
C ARG B 95 9.42 1.93 6.03
N ARG B 96 10.61 2.53 5.90
CA ARG B 96 11.86 1.83 6.09
C ARG B 96 12.05 0.71 5.07
N THR B 97 11.56 0.94 3.85
CA THR B 97 11.82 0.01 2.74
C THR B 97 13.00 0.46 1.88
N SER B 98 13.52 -0.48 1.10
CA SER B 98 14.48 -0.17 0.05
C SER B 98 13.84 0.76 -0.97
N PRO B 99 14.62 1.70 -1.52
CA PRO B 99 14.12 2.58 -2.59
C PRO B 99 14.21 1.94 -3.96
N ARG B 100 14.75 0.72 -4.04
CA ARG B 100 14.94 0.07 -5.35
C ARG B 100 13.62 -0.29 -6.04
N ILE B 101 13.66 -0.22 -7.36
CA ILE B 101 12.49 -0.54 -8.17
C ILE B 101 12.53 -2.01 -8.56
N PRO B 102 11.48 -2.77 -8.21
CA PRO B 102 11.39 -4.17 -8.65
C PRO B 102 11.39 -4.34 -10.16
N THR B 103 11.66 -5.54 -10.64
CA THR B 103 11.64 -5.79 -12.07
C THR B 103 10.34 -6.48 -12.51
N ASP B 104 9.70 -7.17 -11.58
CA ASP B 104 8.52 -7.98 -11.92
C ASP B 104 7.25 -7.16 -11.84
N ILE B 105 6.17 -7.66 -12.41
CA ILE B 105 4.93 -6.89 -12.42
C ILE B 105 4.28 -6.69 -11.04
N GLU B 106 4.32 -7.71 -10.17
CA GLU B 106 3.72 -7.54 -8.84
C GLU B 106 4.48 -6.48 -8.02
N GLY B 107 5.80 -6.56 -8.05
CA GLY B 107 6.60 -5.55 -7.39
C GLY B 107 6.40 -4.17 -7.98
N GLN B 108 6.37 -4.09 -9.31
CA GLN B 108 6.26 -2.79 -9.92
C GLN B 108 4.90 -2.15 -9.71
N ILE B 109 3.83 -2.93 -9.75
CA ILE B 109 2.54 -2.29 -9.59
C ILE B 109 2.43 -1.68 -8.19
N GLY B 110 2.99 -2.33 -7.18
CA GLY B 110 3.04 -1.71 -5.86
C GLY B 110 3.97 -0.51 -5.78
N TYR B 111 5.13 -0.62 -6.40
CA TYR B 111 6.08 0.49 -6.41
C TYR B 111 5.41 1.75 -6.95
N TYR B 112 4.58 1.60 -7.98
CA TYR B 112 3.99 2.72 -8.67
C TYR B 112 2.55 3.02 -8.22
N CYS B 113 2.14 2.55 -7.04
CA CYS B 113 0.76 2.75 -6.58
C CYS B 113 0.72 3.36 -5.18
N ASN B 114 -0.26 4.22 -4.93
CA ASN B 114 -0.47 4.77 -3.60
C ASN B 114 -1.74 4.27 -2.91
N ALA B 115 -2.55 3.51 -3.62
CA ALA B 115 -3.84 3.10 -3.10
C ALA B 115 -4.41 1.92 -3.88
N ALA B 116 -4.69 0.81 -3.17
CA ALA B 116 -5.02 -0.46 -3.81
C ALA B 116 -6.47 -0.58 -4.26
N GLU B 117 -7.32 0.41 -3.98
CA GLU B 117 -8.70 0.28 -4.45
C GLU B 117 -8.80 0.34 -5.97
N THR B 118 -7.76 0.90 -6.60
CA THR B 118 -7.78 1.21 -8.02
C THR B 118 -7.09 0.09 -8.81
N ALA B 119 -7.88 -0.60 -9.64
CA ALA B 119 -7.38 -1.67 -10.50
C ALA B 119 -7.03 -1.10 -11.84
N ILE B 120 -5.95 -1.60 -12.42
CA ILE B 120 -5.65 -1.32 -13.83
C ILE B 120 -6.34 -2.40 -14.70
N SER B 121 -7.01 -1.94 -15.75
CA SER B 121 -7.81 -2.79 -16.62
C SER B 121 -7.43 -2.49 -18.07
N PRO B 122 -7.76 -3.40 -19.01
CA PRO B 122 -7.45 -3.12 -20.42
C PRO B 122 -8.14 -1.84 -20.86
N GLY B 123 -7.42 -0.97 -21.57
CA GLY B 123 -7.98 0.29 -22.00
C GLY B 123 -7.69 1.45 -21.06
N THR B 124 -7.22 1.15 -19.86
CA THR B 124 -6.93 2.18 -18.87
C THR B 124 -5.94 3.23 -19.37
N TRP B 125 -4.81 2.78 -19.91
CA TRP B 125 -3.80 3.70 -20.45
C TRP B 125 -4.36 4.59 -21.56
N GLU B 126 -5.01 3.97 -22.53
N GLU B 126 -5.01 3.97 -22.54
CA GLU B 126 -5.60 4.72 -23.64
CA GLU B 126 -5.60 4.73 -23.65
C GLU B 126 -6.62 5.73 -23.14
C GLU B 126 -6.62 5.75 -23.14
N ALA B 127 -7.45 5.33 -22.18
CA ALA B 127 -8.44 6.26 -21.62
C ALA B 127 -7.77 7.42 -20.90
N ALA B 128 -6.73 7.12 -20.15
CA ALA B 128 -5.99 8.14 -19.41
C ALA B 128 -5.34 9.14 -20.38
N LEU B 129 -4.82 8.65 -21.49
CA LEU B 129 -4.26 9.57 -22.49
C LEU B 129 -5.33 10.47 -23.12
N SER B 130 -6.53 9.95 -23.30
CA SER B 130 -7.61 10.76 -23.88
C SER B 130 -8.04 11.85 -22.89
N SER B 131 -8.05 11.50 -21.62
CA SER B 131 -8.45 12.42 -20.57
C SER B 131 -7.40 13.53 -20.44
N MET B 132 -6.15 13.13 -20.51
CA MET B 132 -5.03 14.08 -20.53
C MET B 132 -5.19 15.04 -21.72
N ALA B 133 -5.56 14.48 -22.88
CA ALA B 133 -5.75 15.30 -24.08
C ALA B 133 -6.85 16.34 -23.89
N SER B 134 -7.94 15.96 -23.23
CA SER B 134 -8.99 16.95 -22.94
C SER B 134 -8.47 18.09 -22.08
N ALA B 135 -7.62 17.78 -21.10
CA ALA B 135 -7.02 18.80 -20.26
C ALA B 135 -6.08 19.70 -21.05
N ILE B 136 -5.27 19.11 -21.94
CA ILE B 136 -4.35 19.90 -22.74
C ILE B 136 -5.10 20.84 -23.68
N ASP B 137 -6.11 20.33 -24.38
CA ASP B 137 -6.88 21.21 -25.27
C ASP B 137 -7.59 22.34 -24.51
N GLY B 138 -8.08 22.04 -23.31
CA GLY B 138 -8.67 23.08 -22.48
C GLY B 138 -7.64 24.16 -22.13
N ALA B 139 -6.45 23.74 -21.72
CA ALA B 139 -5.38 24.69 -21.43
C ALA B 139 -5.04 25.54 -22.65
N ASP B 140 -5.02 24.92 -23.82
CA ASP B 140 -4.70 25.67 -25.04
C ASP B 140 -5.74 26.75 -25.30
N LEU B 141 -7.01 26.49 -24.97
CA LEU B 141 -8.04 27.52 -25.12
C LEU B 141 -7.75 28.72 -24.21
N ILE B 142 -7.37 28.43 -22.98
CA ILE B 142 -7.02 29.48 -22.03
C ILE B 142 -5.79 30.24 -22.52
N ALA B 143 -4.77 29.50 -22.95
CA ALA B 143 -3.54 30.13 -23.46
C ALA B 143 -3.84 31.06 -24.65
N ALA B 144 -4.86 30.73 -25.43
CA ALA B 144 -5.18 31.50 -26.64
C ALA B 144 -6.10 32.67 -26.33
N GLY B 145 -6.53 32.81 -25.08
CA GLY B 145 -7.28 33.98 -24.68
C GLY B 145 -8.67 33.79 -24.11
N HIS B 146 -9.20 32.55 -24.10
CA HIS B 146 -10.51 32.33 -23.52
C HIS B 146 -10.42 32.50 -22.00
N LYS B 147 -11.45 33.07 -21.39
CA LYS B 147 -11.44 33.23 -19.94
C LYS B 147 -12.01 32.07 -19.16
N ALA B 148 -12.64 31.12 -19.85
CA ALA B 148 -13.14 29.92 -19.22
C ALA B 148 -13.22 28.80 -20.24
N ALA B 149 -13.03 27.57 -19.75
CA ALA B 149 -13.28 26.37 -20.53
C ALA B 149 -13.47 25.22 -19.54
N PHE B 150 -14.11 24.15 -20.00
CA PHE B 150 -14.33 22.97 -19.17
C PHE B 150 -13.77 21.73 -19.84
N SER B 151 -12.82 21.07 -19.20
CA SER B 151 -12.32 19.80 -19.66
C SER B 151 -13.01 18.70 -18.88
N LEU B 152 -13.88 17.97 -19.57
CA LEU B 152 -14.63 16.89 -18.95
C LEU B 152 -13.74 15.65 -18.95
N CYS B 153 -12.78 15.65 -18.02
CA CYS B 153 -11.84 14.56 -17.88
C CYS B 153 -12.43 13.35 -17.21
N ARG B 154 -12.14 12.17 -17.77
CA ARG B 154 -12.39 10.89 -17.12
C ARG B 154 -11.47 9.90 -17.82
N PRO B 155 -10.67 9.13 -17.06
CA PRO B 155 -10.56 9.12 -15.59
C PRO B 155 -10.01 10.44 -15.03
N PRO B 156 -10.27 10.66 -13.73
CA PRO B 156 -9.79 11.84 -13.05
C PRO B 156 -8.29 11.75 -12.79
N GLY B 157 -7.75 12.80 -12.19
CA GLY B 157 -6.30 12.93 -12.14
C GLY B 157 -5.64 13.27 -10.81
N HIS B 158 -6.37 13.86 -9.86
CA HIS B 158 -5.67 14.58 -8.78
C HIS B 158 -5.01 13.70 -7.71
N HIS B 159 -5.30 12.39 -7.66
CA HIS B 159 -4.58 11.49 -6.73
C HIS B 159 -3.32 10.90 -7.35
N ALA B 160 -3.08 11.14 -8.64
CA ALA B 160 -1.88 10.62 -9.31
C ALA B 160 -0.72 11.54 -9.06
N GLY B 161 0.33 11.03 -8.41
CA GLY B 161 1.50 11.82 -8.07
C GLY B 161 2.60 11.65 -9.10
N ILE B 162 3.81 12.08 -8.76
CA ILE B 162 4.89 12.07 -9.74
C ILE B 162 5.04 10.69 -10.36
N ASP B 163 5.03 9.67 -9.51
CA ASP B 163 5.26 8.29 -9.96
C ASP B 163 4.34 7.30 -9.26
N MET B 164 3.10 7.72 -9.00
CA MET B 164 2.12 6.80 -8.41
CA MET B 164 2.11 6.84 -8.35
C MET B 164 0.71 7.04 -8.90
N PHE B 165 0.00 5.93 -9.15
CA PHE B 165 -1.43 5.95 -9.46
C PHE B 165 -2.23 5.55 -8.21
N GLY B 166 -3.49 5.95 -8.16
CA GLY B 166 -4.37 5.57 -7.07
C GLY B 166 -5.56 6.51 -7.02
N GLY B 167 -6.53 6.20 -6.17
CA GLY B 167 -7.71 7.04 -6.09
C GLY B 167 -8.42 7.26 -7.41
N TYR B 168 -8.41 6.22 -8.26
CA TYR B 168 -9.10 6.20 -9.57
C TYR B 168 -8.36 7.01 -10.63
N CYS B 169 -7.13 7.44 -10.32
CA CYS B 169 -6.37 8.40 -11.13
C CYS B 169 -5.06 7.82 -11.64
N PHE B 170 -4.70 8.14 -12.88
CA PHE B 170 -3.49 7.64 -13.51
C PHE B 170 -2.57 8.73 -14.04
N ILE B 171 -3.16 9.69 -14.75
CA ILE B 171 -2.39 10.83 -15.23
C ILE B 171 -3.03 12.05 -14.57
N ASN B 172 -2.20 12.92 -13.98
CA ASN B 172 -2.76 14.06 -13.29
C ASN B 172 -3.10 15.16 -14.30
N ASN B 173 -4.32 15.11 -14.79
CA ASN B 173 -4.79 16.00 -15.85
C ASN B 173 -4.62 17.48 -15.49
N ALA B 174 -4.99 17.84 -14.26
CA ALA B 174 -4.83 19.23 -13.85
C ALA B 174 -3.37 19.68 -13.85
N ALA B 175 -2.47 18.80 -13.40
CA ALA B 175 -1.03 19.09 -13.43
C ALA B 175 -0.53 19.25 -14.86
N VAL B 176 -1.00 18.40 -15.77
CA VAL B 176 -0.65 18.51 -17.17
C VAL B 176 -1.15 19.84 -17.75
N ALA B 177 -2.38 20.23 -17.40
CA ALA B 177 -2.92 21.49 -17.90
C ALA B 177 -2.09 22.68 -17.40
N ALA B 178 -1.73 22.65 -16.12
CA ALA B 178 -0.91 23.72 -15.55
C ALA B 178 0.42 23.81 -16.28
N GLN B 179 1.06 22.67 -16.49
CA GLN B 179 2.31 22.62 -17.24
C GLN B 179 2.16 23.15 -18.66
N ARG B 180 1.03 22.82 -19.31
CA ARG B 180 0.80 23.27 -20.67
C ARG B 180 0.70 24.79 -20.69
N LEU B 181 0.05 25.37 -19.69
CA LEU B 181 -0.05 26.83 -19.62
C LEU B 181 1.32 27.50 -19.43
N LEU B 182 2.16 26.91 -18.58
CA LEU B 182 3.53 27.39 -18.44
C LEU B 182 4.28 27.29 -19.77
N ASP B 183 4.09 26.16 -20.46
CA ASP B 183 4.81 25.93 -21.73
C ASP B 183 4.35 26.91 -22.79
N LYS B 184 3.11 27.38 -22.70
CA LYS B 184 2.58 28.34 -23.66
C LYS B 184 2.95 29.78 -23.30
N GLY B 185 3.66 29.97 -22.19
CA GLY B 185 4.17 31.30 -21.88
C GLY B 185 3.88 31.86 -20.49
N ALA B 186 3.03 31.19 -19.71
CA ALA B 186 2.78 31.64 -18.37
C ALA B 186 4.01 31.46 -17.50
N LYS B 187 4.19 32.33 -16.51
CA LYS B 187 5.29 32.15 -15.56
C LYS B 187 4.78 31.61 -14.22
N LYS B 188 3.52 31.93 -13.90
CA LYS B 188 2.91 31.54 -12.62
C LYS B 188 1.48 31.07 -12.84
N ILE B 189 1.17 29.88 -12.34
CA ILE B 189 -0.14 29.25 -12.51
C ILE B 189 -0.57 28.69 -11.15
N ALA B 190 -1.87 28.75 -10.86
CA ALA B 190 -2.40 28.11 -9.64
C ALA B 190 -3.31 26.96 -10.00
N ILE B 191 -3.35 25.96 -9.13
CA ILE B 191 -4.34 24.87 -9.18
C ILE B 191 -5.13 24.96 -7.90
N LEU B 192 -6.45 25.04 -8.03
CA LEU B 192 -7.37 25.14 -6.89
C LEU B 192 -8.23 23.88 -6.90
N ASP B 193 -8.05 23.04 -5.88
CA ASP B 193 -8.69 21.71 -5.85
C ASP B 193 -9.86 21.75 -4.87
N VAL B 194 -11.08 21.75 -5.43
CA VAL B 194 -12.30 21.86 -4.61
C VAL B 194 -13.03 20.52 -4.43
N ASP B 195 -12.46 19.46 -5.01
CA ASP B 195 -12.98 18.12 -4.77
C ASP B 195 -12.93 17.86 -3.23
N PHE B 196 -13.85 17.07 -2.70
CA PHE B 196 -13.84 16.76 -1.27
C PHE B 196 -12.50 16.19 -0.78
N HIS B 197 -11.82 15.43 -1.63
CA HIS B 197 -10.58 14.77 -1.24
C HIS B 197 -9.37 15.59 -1.56
N HIS B 198 -8.36 15.50 -0.71
CA HIS B 198 -7.11 16.19 -0.97
C HIS B 198 -6.53 15.75 -2.30
N GLY B 199 -6.06 16.70 -3.09
CA GLY B 199 -5.33 16.37 -4.31
C GLY B 199 -3.88 16.01 -4.01
N ASN B 200 -3.67 14.87 -3.38
CA ASN B 200 -2.34 14.48 -2.96
C ASN B 200 -1.40 14.28 -4.11
N GLY B 201 -1.92 13.82 -5.24
CA GLY B 201 -1.06 13.67 -6.42
C GLY B 201 -0.56 15.03 -6.92
N THR B 202 -1.50 15.98 -7.03
CA THR B 202 -1.14 17.31 -7.49
C THR B 202 -0.15 17.96 -6.53
N GLN B 203 -0.40 17.81 -5.22
CA GLN B 203 0.50 18.41 -4.25
C GLN B 203 1.91 17.85 -4.44
N ASP B 204 2.01 16.52 -4.58
CA ASP B 204 3.30 15.86 -4.81
C ASP B 204 4.04 16.46 -6.01
N ILE B 205 3.32 16.63 -7.13
CA ILE B 205 3.94 17.06 -8.37
C ILE B 205 4.57 18.45 -8.22
N PHE B 206 3.89 19.35 -7.50
CA PHE B 206 4.34 20.73 -7.44
C PHE B 206 4.93 21.16 -6.11
N TYR B 207 5.18 20.20 -5.21
CA TYR B 207 5.58 20.55 -3.85
C TYR B 207 6.88 21.34 -3.78
N GLU B 208 7.80 21.03 -4.69
CA GLU B 208 9.12 21.66 -4.71
C GLU B 208 9.29 22.59 -5.91
N ARG B 209 8.16 23.03 -6.47
CA ARG B 209 8.15 23.94 -7.63
C ARG B 209 7.52 25.27 -7.26
N GLY B 210 8.21 26.36 -7.59
CA GLY B 210 7.73 27.70 -7.29
C GLY B 210 6.92 28.35 -8.40
N ASP B 211 6.79 27.67 -9.54
CA ASP B 211 6.04 28.22 -10.66
C ASP B 211 4.55 27.90 -10.59
N VAL B 212 4.20 26.98 -9.69
CA VAL B 212 2.82 26.56 -9.50
C VAL B 212 2.44 26.65 -8.04
N PHE B 213 1.29 27.26 -7.77
CA PHE B 213 0.70 27.33 -6.44
C PHE B 213 -0.43 26.33 -6.39
N PHE B 214 -0.47 25.53 -5.33
CA PHE B 214 -1.52 24.52 -5.17
C PHE B 214 -2.33 24.79 -3.91
N ALA B 215 -3.65 24.97 -4.04
CA ALA B 215 -4.54 25.12 -2.89
C ALA B 215 -5.56 24.00 -2.94
N SER B 216 -5.84 23.43 -1.77
CA SER B 216 -6.83 22.36 -1.69
C SER B 216 -7.71 22.55 -0.47
N LEU B 217 -9.02 22.43 -0.66
CA LEU B 217 -10.01 22.34 0.41
C LEU B 217 -10.49 20.91 0.45
N HIS B 218 -10.57 20.30 1.63
CA HIS B 218 -10.80 18.85 1.63
C HIS B 218 -11.14 18.34 3.00
N GLY B 219 -11.69 17.14 3.05
CA GLY B 219 -11.88 16.45 4.32
C GLY B 219 -10.54 16.24 5.00
N ASP B 220 -10.52 16.46 6.31
CA ASP B 220 -9.31 16.31 7.12
C ASP B 220 -8.67 14.93 6.90
N PRO B 221 -7.39 14.88 6.49
CA PRO B 221 -6.79 13.57 6.22
C PRO B 221 -6.58 12.75 7.47
N ALA B 222 -6.70 13.32 8.65
CA ALA B 222 -6.70 12.49 9.86
C ALA B 222 -7.83 11.46 9.81
N GLU B 223 -8.91 11.76 9.08
CA GLU B 223 -10.05 10.83 8.99
C GLU B 223 -10.49 10.47 7.58
N ALA B 224 -10.02 11.17 6.56
CA ALA B 224 -10.55 10.99 5.21
C ALA B 224 -9.47 10.59 4.22
N PHE B 225 -9.86 9.78 3.23
CA PHE B 225 -9.01 9.50 2.08
C PHE B 225 -8.53 10.85 1.51
N PRO B 226 -7.28 10.96 1.07
CA PRO B 226 -6.26 9.91 0.90
C PRO B 226 -5.43 9.56 2.12
N HIS B 227 -5.76 10.11 3.30
CA HIS B 227 -5.24 9.65 4.59
C HIS B 227 -3.81 10.05 4.93
N PHE B 228 -2.95 10.29 3.94
CA PHE B 228 -1.52 10.43 4.24
C PHE B 228 -0.89 11.69 3.68
N LEU B 229 -1.70 12.69 3.37
CA LEU B 229 -1.20 13.99 2.95
C LEU B 229 -2.39 14.94 3.07
N GLY B 230 -2.14 16.25 3.11
CA GLY B 230 -3.23 17.21 3.13
C GLY B 230 -3.35 17.97 4.44
N TYR B 231 -2.41 17.79 5.36
CA TYR B 231 -2.41 18.57 6.62
C TYR B 231 -2.03 20.02 6.37
N ALA B 232 -2.56 20.92 7.20
CA ALA B 232 -2.33 22.35 7.02
C ALA B 232 -0.85 22.72 7.12
N GLU B 233 -0.09 21.94 7.86
CA GLU B 233 1.32 22.26 8.08
C GLU B 233 2.17 22.10 6.80
N GLU B 234 1.63 21.42 5.78
CA GLU B 234 2.36 21.17 4.53
C GLU B 234 2.28 22.38 3.61
N THR B 235 3.34 23.16 3.57
CA THR B 235 3.28 24.43 2.84
C THR B 235 4.26 24.52 1.68
N GLY B 236 5.03 23.47 1.46
CA GLY B 236 5.99 23.41 0.37
C GLY B 236 7.43 23.28 0.85
N LYS B 237 8.33 22.87 -0.02
CA LYS B 237 9.75 22.85 0.34
C LYS B 237 10.65 23.23 -0.83
N GLY B 238 11.89 23.61 -0.53
CA GLY B 238 12.82 24.02 -1.56
C GLY B 238 12.30 25.21 -2.34
N ALA B 239 12.41 25.14 -3.67
CA ALA B 239 11.91 26.20 -4.54
C ALA B 239 10.41 26.36 -4.44
N GLY B 240 9.76 25.35 -3.88
CA GLY B 240 8.32 25.40 -3.73
C GLY B 240 7.83 25.93 -2.39
N ALA B 241 8.73 26.44 -1.56
CA ALA B 241 8.31 26.87 -0.24
C ALA B 241 7.19 27.92 -0.31
N GLY B 242 6.15 27.74 0.51
CA GLY B 242 5.05 28.68 0.56
C GLY B 242 4.08 28.60 -0.61
N THR B 243 4.14 27.52 -1.39
CA THR B 243 3.22 27.41 -2.54
C THR B 243 2.25 26.24 -2.47
N THR B 244 2.09 25.65 -1.29
CA THR B 244 0.99 24.72 -1.02
C THR B 244 0.16 25.29 0.12
N ALA B 245 -1.16 25.34 -0.07
CA ALA B 245 -2.07 25.76 0.99
C ALA B 245 -3.20 24.77 1.12
N ASN B 246 -3.17 24.02 2.22
CA ASN B 246 -4.18 22.99 2.49
C ASN B 246 -5.17 23.51 3.53
N TYR B 247 -6.45 23.27 3.26
CA TYR B 247 -7.54 23.65 4.14
C TYR B 247 -8.35 22.42 4.53
N PRO B 248 -7.84 21.62 5.47
CA PRO B 248 -8.58 20.46 5.97
C PRO B 248 -9.79 20.89 6.80
N MET B 249 -10.93 20.24 6.58
CA MET B 249 -12.16 20.59 7.31
C MET B 249 -12.86 19.31 7.75
N GLY B 250 -13.72 19.42 8.75
CA GLY B 250 -14.27 18.27 9.42
C GLY B 250 -15.66 17.83 8.99
N ARG B 251 -16.19 16.85 9.71
N ARG B 251 -16.21 16.85 9.71
CA ARG B 251 -17.49 16.26 9.39
CA ARG B 251 -17.49 16.25 9.36
C ARG B 251 -18.58 17.32 9.36
C ARG B 251 -18.64 17.23 9.43
N GLY B 252 -19.44 17.24 8.36
CA GLY B 252 -20.62 18.08 8.33
C GLY B 252 -20.37 19.47 7.79
N THR B 253 -19.15 19.79 7.35
CA THR B 253 -18.85 21.17 6.93
C THR B 253 -19.80 21.68 5.85
N PRO B 254 -20.51 22.78 6.11
CA PRO B 254 -21.43 23.38 5.13
C PRO B 254 -20.77 24.52 4.37
N TYR B 255 -21.47 25.11 3.41
CA TYR B 255 -20.85 26.15 2.60
C TYR B 255 -20.47 27.38 3.42
N SER B 256 -21.23 27.69 4.47
CA SER B 256 -20.92 28.88 5.26
C SER B 256 -19.47 28.82 5.81
N VAL B 257 -18.98 27.61 6.13
CA VAL B 257 -17.62 27.43 6.58
C VAL B 257 -16.66 27.16 5.40
N TRP B 258 -17.08 26.29 4.50
CA TRP B 258 -16.25 25.89 3.37
C TRP B 258 -15.94 27.14 2.52
N GLY B 259 -16.94 28.01 2.35
CA GLY B 259 -16.73 29.22 1.58
C GLY B 259 -15.71 30.19 2.17
N GLU B 260 -15.53 30.17 3.49
CA GLU B 260 -14.49 31.00 4.11
C GLU B 260 -13.10 30.50 3.72
N ALA B 261 -12.91 29.18 3.69
CA ALA B 261 -11.66 28.63 3.22
C ALA B 261 -11.46 28.97 1.75
N LEU B 262 -12.53 28.91 0.95
CA LEU B 262 -12.43 29.30 -0.45
C LEU B 262 -11.92 30.73 -0.61
N THR B 263 -12.53 31.66 0.12
CA THR B 263 -12.09 33.06 0.12
C THR B 263 -10.61 33.18 0.46
N ASP B 264 -10.16 32.44 1.48
CA ASP B 264 -8.76 32.56 1.86
C ASP B 264 -7.85 32.01 0.78
N SER B 265 -8.24 30.90 0.18
CA SER B 265 -7.41 30.27 -0.84
C SER B 265 -7.25 31.22 -2.02
N LEU B 266 -8.31 31.97 -2.33
CA LEU B 266 -8.24 32.86 -3.47
C LEU B 266 -7.37 34.09 -3.17
N LYS B 267 -7.35 34.52 -1.91
CA LYS B 267 -6.46 35.57 -1.47
C LYS B 267 -5.01 35.11 -1.67
N ARG B 268 -4.72 33.89 -1.24
N ARG B 268 -4.72 33.87 -1.28
CA ARG B 268 -3.37 33.33 -1.40
CA ARG B 268 -3.36 33.37 -1.40
C ARG B 268 -2.96 33.24 -2.86
C ARG B 268 -2.93 33.16 -2.86
N ILE B 269 -3.87 32.75 -3.70
CA ILE B 269 -3.61 32.63 -5.14
C ILE B 269 -3.36 34.01 -5.78
N ALA B 270 -4.15 35.01 -5.40
CA ALA B 270 -3.93 36.36 -5.91
C ALA B 270 -2.57 36.95 -5.48
N ALA B 271 -2.19 36.68 -4.23
CA ALA B 271 -0.91 37.18 -3.72
C ALA B 271 0.25 36.50 -4.43
N PHE B 272 0.06 35.23 -4.80
CA PHE B 272 1.05 34.49 -5.58
C PHE B 272 1.21 35.07 -7.00
N GLY B 273 0.15 35.70 -7.50
CA GLY B 273 0.17 36.26 -8.84
C GLY B 273 -0.09 35.25 -9.96
N ALA B 274 -0.99 34.31 -9.72
CA ALA B 274 -1.36 33.35 -10.76
C ALA B 274 -1.90 34.06 -12.00
N GLU B 275 -1.44 33.63 -13.17
CA GLU B 275 -1.93 34.18 -14.42
C GLU B 275 -3.20 33.49 -14.91
N ALA B 276 -3.45 32.29 -14.38
CA ALA B 276 -4.66 31.53 -14.67
C ALA B 276 -4.83 30.56 -13.51
N ILE B 277 -6.06 30.10 -13.30
CA ILE B 277 -6.32 29.08 -12.30
C ILE B 277 -6.91 27.84 -12.95
N VAL B 278 -6.28 26.70 -12.71
CA VAL B 278 -6.83 25.39 -13.10
C VAL B 278 -7.62 24.92 -11.90
N VAL B 279 -8.93 24.75 -12.07
CA VAL B 279 -9.80 24.31 -11.00
C VAL B 279 -10.00 22.81 -11.12
N SER B 280 -9.50 22.08 -10.12
CA SER B 280 -9.75 20.65 -10.01
C SER B 280 -11.12 20.50 -9.36
N LEU B 281 -12.14 20.27 -10.20
CA LEU B 281 -13.53 20.27 -9.74
C LEU B 281 -14.05 18.89 -9.45
N GLY B 282 -14.21 18.58 -8.17
CA GLY B 282 -15.00 17.44 -7.79
C GLY B 282 -16.25 17.93 -7.11
N VAL B 283 -17.36 17.23 -7.31
CA VAL B 283 -18.62 17.62 -6.68
C VAL B 283 -19.02 16.62 -5.59
N ASP B 284 -18.02 15.89 -5.09
CA ASP B 284 -18.23 14.98 -3.96
C ASP B 284 -18.31 15.70 -2.60
N THR B 285 -18.27 17.03 -2.65
CA THR B 285 -18.58 17.88 -1.50
C THR B 285 -20.09 17.97 -1.25
N PHE B 286 -20.90 17.39 -2.14
CA PHE B 286 -22.35 17.47 -2.06
C PHE B 286 -22.89 16.73 -0.84
N GLU B 287 -23.97 17.25 -0.26
CA GLU B 287 -24.53 16.69 0.96
C GLU B 287 -25.02 15.24 0.83
N GLN B 288 -25.25 14.79 -0.41
N GLN B 288 -25.27 14.77 -0.39
CA GLN B 288 -25.70 13.41 -0.67
CA GLN B 288 -25.67 13.38 -0.58
C GLN B 288 -24.59 12.44 -1.06
C GLN B 288 -24.61 12.51 -1.28
N ASP B 289 -23.35 12.93 -1.21
CA ASP B 289 -22.28 12.11 -1.83
C ASP B 289 -22.04 10.87 -1.00
N PRO B 290 -21.95 9.70 -1.66
CA PRO B 290 -21.89 8.44 -0.91
C PRO B 290 -20.60 8.15 -0.12
N ILE B 291 -19.51 8.83 -0.45
CA ILE B 291 -18.23 8.51 0.20
C ILE B 291 -17.60 9.70 0.94
N SER B 292 -18.37 10.77 1.18
CA SER B 292 -17.81 12.03 1.66
C SER B 292 -18.69 12.70 2.73
N PHE B 293 -18.12 13.62 3.51
CA PHE B 293 -18.82 14.16 4.67
C PHE B 293 -19.04 15.68 4.70
N PHE B 294 -18.94 16.35 3.55
CA PHE B 294 -19.32 17.77 3.51
C PHE B 294 -20.80 17.92 3.14
N LYS B 295 -21.34 19.13 3.30
CA LYS B 295 -22.79 19.35 3.20
C LYS B 295 -23.13 20.51 2.27
N LEU B 296 -22.46 20.56 1.13
CA LEU B 296 -22.82 21.56 0.12
C LEU B 296 -24.15 21.20 -0.55
N THR B 297 -24.90 22.24 -0.91
CA THR B 297 -26.18 22.08 -1.60
C THR B 297 -26.00 22.42 -3.08
N SER B 298 -26.94 22.02 -3.93
CA SER B 298 -26.77 22.29 -5.35
C SER B 298 -26.61 23.78 -5.66
N PRO B 299 -27.41 24.65 -5.01
CA PRO B 299 -27.19 26.08 -5.26
C PRO B 299 -25.80 26.58 -4.87
N ASP B 300 -25.14 25.95 -3.89
CA ASP B 300 -23.80 26.40 -3.48
C ASP B 300 -22.78 26.33 -4.62
N TYR B 301 -22.99 25.43 -5.57
CA TYR B 301 -22.05 25.30 -6.67
C TYR B 301 -22.06 26.52 -7.57
N ILE B 302 -23.22 27.18 -7.73
CA ILE B 302 -23.27 28.42 -8.49
C ILE B 302 -22.46 29.48 -7.76
N THR B 303 -22.66 29.61 -6.45
CA THR B 303 -21.90 30.56 -5.66
C THR B 303 -20.39 30.29 -5.80
N MET B 304 -20.02 29.01 -5.75
CA MET B 304 -18.62 28.64 -5.85
C MET B 304 -18.00 29.08 -7.18
N GLY B 305 -18.64 28.73 -8.28
CA GLY B 305 -18.15 29.15 -9.59
C GLY B 305 -18.04 30.66 -9.73
N ARG B 306 -19.02 31.39 -9.24
N ARG B 306 -19.04 31.39 -9.24
CA ARG B 306 -19.01 32.85 -9.34
CA ARG B 306 -19.02 32.85 -9.33
C ARG B 306 -17.84 33.42 -8.54
C ARG B 306 -17.83 33.40 -8.55
N THR B 307 -17.63 32.89 -7.33
CA THR B 307 -16.55 33.38 -6.49
C THR B 307 -15.18 33.12 -7.11
N ILE B 308 -14.98 31.90 -7.62
CA ILE B 308 -13.70 31.59 -8.24
C ILE B 308 -13.45 32.48 -9.46
N ALA B 309 -14.48 32.70 -10.29
CA ALA B 309 -14.35 33.53 -11.47
C ALA B 309 -14.17 35.03 -11.17
N ALA B 310 -14.57 35.45 -9.97
N ALA B 310 -14.59 35.49 -10.00
CA ALA B 310 -14.44 36.84 -9.55
CA ALA B 310 -14.76 36.93 -9.75
C ALA B 310 -12.97 37.20 -9.29
C ALA B 310 -13.54 37.85 -9.99
N SER B 311 -12.11 36.17 -9.29
N SER B 311 -12.33 37.30 -9.87
CA SER B 311 -10.66 36.36 -9.27
CA SER B 311 -11.12 38.12 -9.99
C SER B 311 -10.23 37.26 -10.41
C SER B 311 -10.85 38.54 -11.42
N GLY B 312 -11.00 37.26 -11.49
N GLY B 312 -11.32 37.75 -12.37
CA GLY B 312 -10.73 38.10 -12.64
CA GLY B 312 -11.09 38.03 -13.76
C GLY B 312 -9.62 37.51 -13.50
C GLY B 312 -9.97 37.21 -14.38
N VAL B 313 -9.33 36.24 -13.27
N VAL B 313 -9.13 36.58 -13.55
CA VAL B 313 -8.24 35.57 -13.95
CA VAL B 313 -8.12 35.71 -14.13
C VAL B 313 -8.82 34.36 -14.70
C VAL B 313 -8.79 34.49 -14.75
N PRO B 314 -8.26 34.02 -15.88
CA PRO B 314 -8.87 32.90 -16.64
C PRO B 314 -8.91 31.58 -15.88
N LEU B 315 -9.97 30.81 -16.12
CA LEU B 315 -10.16 29.53 -15.45
C LEU B 315 -10.21 28.39 -16.44
N LEU B 316 -9.49 27.32 -16.13
CA LEU B 316 -9.76 26.03 -16.78
C LEU B 316 -10.37 25.13 -15.73
N VAL B 317 -11.60 24.68 -15.94
CA VAL B 317 -12.22 23.74 -15.01
C VAL B 317 -11.95 22.34 -15.51
N VAL B 318 -11.37 21.52 -14.63
CA VAL B 318 -10.96 20.15 -14.95
C VAL B 318 -11.73 19.18 -14.04
N MET B 319 -12.46 18.26 -14.65
CA MET B 319 -13.30 17.33 -13.88
C MET B 319 -12.46 16.35 -13.08
N GLU B 320 -12.83 16.22 -11.81
CA GLU B 320 -12.25 15.24 -10.88
C GLU B 320 -13.36 14.28 -10.43
N GLY B 321 -13.67 14.27 -9.13
N GLY B 321 -13.56 14.12 -9.13
CA GLY B 321 -14.65 13.35 -8.58
CA GLY B 321 -14.38 13.04 -8.61
C GLY B 321 -16.08 13.88 -8.41
C GLY B 321 -15.84 13.39 -8.32
N GLY B 322 -16.87 13.15 -7.65
N GLY B 322 -16.57 12.42 -7.79
CA GLY B 322 -18.32 13.36 -7.59
CA GLY B 322 -17.98 12.59 -7.45
C GLY B 322 -18.98 12.07 -8.02
C GLY B 322 -18.89 11.65 -8.21
N TYR B 323 -19.68 11.41 -7.09
N TYR B 323 -19.55 10.76 -7.48
CA TYR B 323 -20.09 10.01 -7.24
CA TYR B 323 -20.39 9.76 -8.11
C TYR B 323 -21.58 9.79 -6.96
C TYR B 323 -21.60 9.47 -7.24
N GLY B 324 -22.09 8.66 -7.42
N GLY B 324 -22.44 8.56 -7.74
CA GLY B 324 -23.34 8.10 -6.91
CA GLY B 324 -23.48 7.96 -6.93
C GLY B 324 -24.63 8.60 -7.50
C GLY B 324 -24.82 8.53 -7.30
N VAL B 325 -24.96 9.85 -7.16
CA VAL B 325 -26.28 10.46 -7.32
C VAL B 325 -26.41 11.21 -8.63
N PRO B 326 -27.66 11.33 -9.13
CA PRO B 326 -27.85 11.99 -10.42
C PRO B 326 -27.44 13.45 -10.37
N GLU B 327 -27.53 14.05 -9.17
CA GLU B 327 -27.15 15.44 -9.03
C GLU B 327 -25.67 15.77 -9.38
N ILE B 328 -24.81 14.79 -9.59
CA ILE B 328 -23.44 15.14 -9.97
C ILE B 328 -23.42 16.05 -11.20
N GLY B 329 -24.32 15.80 -12.14
CA GLY B 329 -24.37 16.60 -13.36
C GLY B 329 -24.82 18.02 -13.08
N LEU B 330 -25.96 18.15 -12.42
CA LEU B 330 -26.47 19.48 -12.00
C LEU B 330 -25.40 20.26 -11.24
N ASN B 331 -24.70 19.58 -10.33
CA ASN B 331 -23.70 20.26 -9.51
C ASN B 331 -22.54 20.80 -10.33
N VAL B 332 -22.03 19.98 -11.27
CA VAL B 332 -21.00 20.48 -12.18
C VAL B 332 -21.52 21.62 -13.03
N ALA B 333 -22.68 21.44 -13.64
CA ALA B 333 -23.29 22.47 -14.50
C ALA B 333 -23.46 23.78 -13.72
N ASN B 334 -23.80 23.68 -12.43
CA ASN B 334 -23.98 24.87 -11.61
C ASN B 334 -22.68 25.61 -11.40
N VAL B 335 -21.56 24.90 -11.26
CA VAL B 335 -20.27 25.59 -11.17
C VAL B 335 -20.04 26.38 -12.46
N LEU B 336 -20.31 25.76 -13.61
CA LEU B 336 -20.12 26.45 -14.89
C LEU B 336 -21.04 27.65 -15.02
N LYS B 337 -22.29 27.54 -14.54
CA LYS B 337 -23.22 28.67 -14.54
C LYS B 337 -22.64 29.83 -13.73
N GLY B 338 -22.03 29.52 -12.59
CA GLY B 338 -21.45 30.56 -11.74
C GLY B 338 -20.28 31.22 -12.45
N VAL B 339 -19.47 30.42 -13.12
CA VAL B 339 -18.34 30.97 -13.88
C VAL B 339 -18.80 31.85 -15.04
N ALA B 340 -19.84 31.41 -15.75
CA ALA B 340 -20.25 32.09 -16.97
C ALA B 340 -21.19 33.26 -16.74
N GLY B 341 -21.75 33.35 -15.54
CA GLY B 341 -22.79 34.32 -15.26
C GLY B 341 -22.35 35.74 -15.06
#